data_9BLU
#
_entry.id   9BLU
#
_cell.length_a   1.00
_cell.length_b   1.00
_cell.length_c   1.00
_cell.angle_alpha   90.00
_cell.angle_beta   90.00
_cell.angle_gamma   90.00
#
_symmetry.space_group_name_H-M   'P 1'
#
loop_
_entity.id
_entity.type
_entity.pdbx_description
1 polymer 'Stress-70 protein, mitochondrial'
2 polymer 'GrpE protein homolog 1, mitochondrial'
#
loop_
_entity_poly.entity_id
_entity_poly.type
_entity_poly.pdbx_seq_one_letter_code
_entity_poly.pdbx_strand_id
1 'polypeptide(L)'
;MASEAIKGAVVGIDLGTTNSCVAVMEGKQAKVLENAEGARTTPSVVAFTADGERLVGMPAKRQAVTNPNNTFYATKRLIG
WRYDDPEVQKDIKNVPFKIVRASNGDAWVEAHGKLYSPSQIGAFVLMKMKETAENYLGHTAKNAVITVPAYFNDSQRQAT
KDAGQISGLNVLRVINEPTAAALAYGLDKSEDKVIAVYDLGGGTFDISILEIQKGVFEVKSTNGDTFLGGEDFDQALLRH
IVKEFKRETGVDLTKDNMALQRVREAAEKAKCELSSSVQTDINLPYLTMDSSGPKHLNMKLTRAQFEGIVTDLIRRTIAP
CQKAMQDAEVSKSDIGEVILVGGMTRMPKVQQTVQDLFGRAPSKAVNPDEAVAIGAAIQGGVLAGDVTDVLLLDVTPLSL
GIETLGGVFTKLINRNTTIPTKKSQVFSTAADGQTQVEIKVCQGEREMAGDNKLLGQFTLIGIPPAPRGVPQIEVTFDID
ANGIVHVSAKDKGTGREQQIVIQSSGGLSKDDIE
;
A
2 'polypeptide(L)'
;TLLEEKVKLEEQLKETVEKYKRALADTENLRQRSQKLVEEAKLYGIQAFCKDLLEVADVLEKATQCVPKEEIKDDNPHLK
NLYEGLVMTEVQIQKVFTKHGLLKLNPVGAKFDPAEHEALFHTPVEGKEPGTVALVSKVGYKLHGRTLRPALVGVVKEAS
A
;
B,C
#
# COMPACT_ATOMS: atom_id res chain seq x y z
N MET A 1 7.39 -23.09 34.61
CA MET A 1 8.44 -22.47 33.82
C MET A 1 8.14 -20.97 33.76
N ALA A 2 9.19 -20.15 33.89
CA ALA A 2 9.04 -18.72 34.14
C ALA A 2 8.68 -17.99 32.85
N SER A 3 8.80 -16.66 32.88
CA SER A 3 8.61 -15.87 31.67
C SER A 3 9.72 -16.18 30.66
N GLU A 4 9.37 -16.16 29.37
CA GLU A 4 10.34 -16.47 28.35
C GLU A 4 11.32 -15.32 28.11
N ALA A 5 10.98 -14.11 28.55
CA ALA A 5 11.79 -12.91 28.31
C ALA A 5 12.08 -12.77 26.81
N ILE A 6 10.99 -12.59 26.04
CA ILE A 6 11.10 -12.52 24.58
C ILE A 6 11.98 -11.35 24.17
N LYS A 7 11.68 -10.15 24.69
CA LYS A 7 12.44 -8.92 24.43
C LYS A 7 12.71 -8.72 22.93
N GLY A 8 11.85 -9.29 22.09
CA GLY A 8 12.02 -9.21 20.65
C GLY A 8 10.67 -9.05 19.96
N ALA A 9 10.73 -8.86 18.65
CA ALA A 9 9.55 -8.66 17.83
C ALA A 9 9.20 -9.93 17.08
N VAL A 10 7.91 -10.27 17.08
CA VAL A 10 7.40 -11.46 16.40
C VAL A 10 6.71 -11.00 15.13
N VAL A 11 7.15 -11.54 13.99
CA VAL A 11 6.60 -11.20 12.68
C VAL A 11 5.78 -12.38 12.18
N GLY A 12 4.66 -12.08 11.54
CA GLY A 12 3.81 -13.12 11.00
C GLY A 12 3.99 -13.31 9.51
N ILE A 13 4.71 -14.36 9.12
CA ILE A 13 5.06 -14.60 7.73
C ILE A 13 4.01 -15.49 7.10
N ASP A 14 3.42 -15.04 6.00
CA ASP A 14 2.45 -15.84 5.23
C ASP A 14 3.22 -16.48 4.09
N LEU A 15 3.73 -17.68 4.32
CA LEU A 15 4.51 -18.41 3.33
C LEU A 15 3.55 -18.98 2.29
N GLY A 16 3.29 -18.20 1.25
CA GLY A 16 2.35 -18.62 0.23
C GLY A 16 2.99 -19.50 -0.83
N THR A 17 2.13 -20.17 -1.61
CA THR A 17 2.61 -21.07 -2.64
C THR A 17 3.16 -20.31 -3.84
N THR A 18 2.64 -19.12 -4.11
CA THR A 18 3.18 -18.25 -5.15
C THR A 18 3.69 -16.94 -4.61
N ASN A 19 2.88 -16.22 -3.85
CA ASN A 19 3.23 -14.89 -3.33
C ASN A 19 3.19 -14.90 -1.82
N SER A 20 4.28 -14.46 -1.20
CA SER A 20 4.38 -14.43 0.25
C SER A 20 4.12 -13.02 0.77
N CYS A 21 4.16 -12.86 2.09
CA CYS A 21 3.89 -11.59 2.73
C CYS A 21 4.35 -11.65 4.17
N VAL A 22 4.86 -10.53 4.67
CA VAL A 22 5.31 -10.41 6.06
C VAL A 22 4.65 -9.19 6.68
N ALA A 23 4.14 -9.35 7.89
CA ALA A 23 3.44 -8.27 8.58
C ALA A 23 3.90 -8.23 10.03
N VAL A 24 3.89 -7.02 10.60
CA VAL A 24 4.32 -6.80 11.96
C VAL A 24 3.27 -5.92 12.66
N MET A 25 3.28 -5.99 13.99
CA MET A 25 2.26 -5.33 14.81
C MET A 25 2.80 -3.99 15.29
N GLU A 26 2.62 -2.96 14.46
CA GLU A 26 3.02 -1.60 14.81
C GLU A 26 1.90 -0.98 15.63
N GLY A 27 2.04 -1.05 16.96
CA GLY A 27 1.10 -0.42 17.85
C GLY A 27 -0.15 -1.23 18.10
N LYS A 28 -1.29 -0.78 17.56
CA LYS A 28 -2.57 -1.43 17.76
C LYS A 28 -3.08 -2.17 16.53
N GLN A 29 -2.43 -2.03 15.39
CA GLN A 29 -2.87 -2.68 14.15
C GLN A 29 -1.68 -3.34 13.48
N ALA A 30 -1.95 -4.44 12.78
CA ALA A 30 -0.90 -5.15 12.04
C ALA A 30 -0.58 -4.40 10.77
N LYS A 31 0.72 -4.17 10.53
CA LYS A 31 1.19 -3.42 9.38
C LYS A 31 1.99 -4.36 8.48
N VAL A 32 1.64 -4.40 7.20
CA VAL A 32 2.33 -5.25 6.24
C VAL A 32 3.56 -4.51 5.72
N LEU A 33 4.70 -5.19 5.72
CA LEU A 33 5.96 -4.58 5.34
C LEU A 33 6.24 -4.80 3.86
N GLU A 34 6.82 -3.78 3.23
CA GLU A 34 7.14 -3.80 1.81
C GLU A 34 8.61 -4.09 1.60
N ASN A 35 8.93 -4.82 0.53
CA ASN A 35 10.28 -5.26 0.26
C ASN A 35 11.07 -4.13 -0.40
N ALA A 36 12.25 -4.46 -0.94
CA ALA A 36 13.15 -3.44 -1.47
C ALA A 36 12.53 -2.68 -2.64
N GLU A 37 11.89 -3.39 -3.56
CA GLU A 37 11.32 -2.78 -4.76
C GLU A 37 9.99 -2.09 -4.50
N GLY A 38 9.61 -1.89 -3.25
CA GLY A 38 8.39 -1.19 -2.92
C GLY A 38 7.12 -2.02 -2.99
N ALA A 39 7.21 -3.29 -3.38
CA ALA A 39 6.04 -4.14 -3.44
C ALA A 39 5.68 -4.67 -2.06
N ARG A 40 4.41 -5.05 -1.90
CA ARG A 40 3.92 -5.63 -0.67
C ARG A 40 3.84 -7.15 -0.73
N THR A 41 4.65 -7.77 -1.58
CA THR A 41 4.53 -9.20 -1.84
C THR A 41 5.83 -9.70 -2.45
N THR A 42 6.38 -10.77 -1.90
CA THR A 42 7.60 -11.37 -2.41
C THR A 42 7.27 -12.68 -3.09
N PRO A 43 7.37 -12.78 -4.42
CA PRO A 43 7.13 -14.06 -5.08
C PRO A 43 8.05 -15.14 -4.55
N SER A 44 7.51 -16.34 -4.35
CA SER A 44 8.26 -17.45 -3.76
C SER A 44 8.96 -18.24 -4.86
N VAL A 45 9.97 -17.61 -5.43
CA VAL A 45 10.80 -18.21 -6.47
C VAL A 45 12.25 -18.11 -6.04
N VAL A 46 12.97 -19.22 -6.10
CA VAL A 46 14.40 -19.27 -5.75
C VAL A 46 15.15 -19.87 -6.92
N ALA A 47 16.19 -19.18 -7.37
CA ALA A 47 16.99 -19.64 -8.50
C ALA A 47 18.46 -19.45 -8.21
N PHE A 48 19.27 -20.37 -8.73
CA PHE A 48 20.71 -20.39 -8.51
C PHE A 48 21.43 -20.28 -9.85
N THR A 49 22.45 -19.42 -9.91
CA THR A 49 23.19 -19.21 -11.14
C THR A 49 24.17 -20.37 -11.36
N ALA A 50 25.04 -20.22 -12.36
CA ALA A 50 25.98 -21.29 -12.69
C ALA A 50 27.03 -21.45 -11.60
N ASP A 51 27.65 -20.35 -11.17
CA ASP A 51 28.69 -20.42 -10.15
C ASP A 51 28.07 -20.48 -8.75
N GLY A 52 27.40 -19.40 -8.35
CA GLY A 52 26.65 -19.40 -7.12
C GLY A 52 25.93 -18.09 -6.85
N GLU A 53 24.64 -18.17 -6.56
CA GLU A 53 23.81 -17.03 -6.22
C GLU A 53 22.54 -17.55 -5.56
N ARG A 54 21.80 -16.65 -4.94
CA ARG A 54 20.55 -17.01 -4.27
C ARG A 54 19.46 -16.01 -4.59
N LEU A 55 19.30 -15.69 -5.88
CA LEU A 55 18.27 -14.76 -6.30
C LEU A 55 16.88 -15.24 -5.88
N VAL A 56 16.23 -14.50 -4.98
CA VAL A 56 14.92 -14.84 -4.47
C VAL A 56 14.00 -13.64 -4.65
N GLY A 57 12.80 -13.89 -5.17
CA GLY A 57 11.85 -12.82 -5.38
C GLY A 57 11.73 -12.43 -6.84
N MET A 58 11.39 -11.17 -7.11
CA MET A 58 11.33 -10.70 -8.49
C MET A 58 12.64 -10.86 -9.24
N PRO A 59 13.83 -10.58 -8.67
CA PRO A 59 15.08 -10.88 -9.38
C PRO A 59 15.26 -12.36 -9.72
N ALA A 60 14.35 -13.22 -9.28
CA ALA A 60 14.37 -14.62 -9.66
C ALA A 60 13.33 -14.97 -10.71
N LYS A 61 12.20 -14.26 -10.73
CA LYS A 61 11.26 -14.44 -11.83
C LYS A 61 11.76 -13.80 -13.11
N ARG A 62 12.44 -12.66 -12.99
CA ARG A 62 12.86 -11.92 -14.18
C ARG A 62 13.86 -12.71 -15.01
N GLN A 63 14.80 -13.40 -14.35
CA GLN A 63 15.85 -14.13 -15.05
C GLN A 63 15.46 -15.59 -15.34
N ALA A 64 14.17 -15.92 -15.29
CA ALA A 64 13.77 -17.32 -15.42
C ALA A 64 14.03 -17.85 -16.82
N VAL A 65 13.96 -17.00 -17.84
CA VAL A 65 14.10 -17.48 -19.21
C VAL A 65 15.52 -17.91 -19.50
N THR A 66 16.51 -17.15 -19.02
CA THR A 66 17.90 -17.52 -19.24
C THR A 66 18.34 -18.68 -18.36
N ASN A 67 17.61 -18.96 -17.28
CA ASN A 67 17.93 -20.02 -16.34
C ASN A 67 16.68 -20.86 -16.11
N PRO A 68 16.28 -21.67 -17.09
CA PRO A 68 15.02 -22.42 -16.94
C PRO A 68 15.16 -23.71 -16.15
N ASN A 69 16.36 -24.28 -16.06
CA ASN A 69 16.55 -25.56 -15.40
C ASN A 69 17.05 -25.42 -13.97
N ASN A 70 17.05 -24.21 -13.41
CA ASN A 70 17.48 -23.99 -12.04
C ASN A 70 16.48 -23.22 -11.19
N THR A 71 15.51 -22.55 -11.79
CA THR A 71 14.58 -21.73 -11.03
C THR A 71 13.49 -22.61 -10.42
N PHE A 72 13.35 -22.55 -9.11
CA PHE A 72 12.34 -23.31 -8.37
C PHE A 72 11.18 -22.41 -8.03
N TYR A 73 10.02 -22.68 -8.60
CA TYR A 73 8.82 -21.87 -8.39
C TYR A 73 7.70 -22.76 -7.88
N ALA A 74 6.95 -22.23 -6.91
CA ALA A 74 5.83 -22.94 -6.28
C ALA A 74 6.28 -24.32 -5.77
N THR A 75 7.24 -24.28 -4.85
CA THR A 75 7.76 -25.50 -4.22
C THR A 75 6.97 -25.90 -2.98
N LYS A 76 5.96 -25.12 -2.59
CA LYS A 76 5.10 -25.48 -1.47
C LYS A 76 4.23 -26.68 -1.77
N ARG A 77 4.15 -27.11 -3.02
CA ARG A 77 3.42 -28.32 -3.36
C ARG A 77 4.23 -29.58 -3.11
N LEU A 78 5.51 -29.45 -2.74
CA LEU A 78 6.37 -30.60 -2.52
C LEU A 78 6.92 -30.66 -1.09
N ILE A 79 6.37 -29.85 -0.17
CA ILE A 79 6.89 -29.81 1.20
C ILE A 79 6.37 -31.01 1.97
N GLY A 80 7.29 -31.76 2.58
CA GLY A 80 6.91 -32.92 3.35
C GLY A 80 6.28 -34.04 2.55
N TRP A 81 6.49 -34.05 1.23
CA TRP A 81 5.92 -35.04 0.34
C TRP A 81 6.99 -36.06 -0.03
N ARG A 82 6.66 -37.34 0.15
CA ARG A 82 7.57 -38.39 -0.28
C ARG A 82 7.68 -38.41 -1.80
N TYR A 83 8.85 -38.83 -2.29
CA TYR A 83 9.07 -38.85 -3.73
C TYR A 83 8.12 -39.80 -4.43
N ASP A 84 7.90 -40.98 -3.86
CA ASP A 84 6.99 -41.97 -4.45
C ASP A 84 5.56 -41.71 -3.97
N ASP A 85 5.03 -40.57 -4.41
CA ASP A 85 3.68 -40.15 -4.09
C ASP A 85 2.96 -39.73 -5.36
N PRO A 86 1.63 -39.89 -5.40
CA PRO A 86 0.90 -39.48 -6.62
C PRO A 86 1.07 -38.02 -6.97
N GLU A 87 1.08 -37.13 -5.96
CA GLU A 87 1.17 -35.70 -6.25
C GLU A 87 2.54 -35.35 -6.86
N VAL A 88 3.61 -35.89 -6.29
CA VAL A 88 4.94 -35.63 -6.84
C VAL A 88 5.09 -36.29 -8.21
N GLN A 89 4.50 -37.47 -8.39
CA GLN A 89 4.56 -38.14 -9.69
C GLN A 89 3.86 -37.31 -10.76
N LYS A 90 2.74 -36.68 -10.42
CA LYS A 90 2.07 -35.81 -11.38
C LYS A 90 2.83 -34.51 -11.58
N ASP A 91 3.47 -34.00 -10.53
CA ASP A 91 4.15 -32.70 -10.62
C ASP A 91 5.46 -32.77 -11.37
N ILE A 92 6.16 -33.90 -11.32
CA ILE A 92 7.52 -33.96 -11.86
C ILE A 92 7.54 -33.69 -13.36
N LYS A 93 6.51 -34.13 -14.08
CA LYS A 93 6.48 -33.93 -15.53
C LYS A 93 6.40 -32.46 -15.90
N ASN A 94 5.59 -31.68 -15.17
CA ASN A 94 5.33 -30.30 -15.57
C ASN A 94 6.52 -29.40 -15.25
N VAL A 95 7.16 -29.60 -14.11
CA VAL A 95 8.22 -28.69 -13.68
C VAL A 95 9.46 -28.89 -14.55
N PRO A 96 10.03 -27.84 -15.14
CA PRO A 96 11.25 -28.00 -15.94
C PRO A 96 12.43 -28.54 -15.15
N PHE A 97 12.57 -28.17 -13.88
CA PHE A 97 13.71 -28.61 -13.09
C PHE A 97 13.54 -30.07 -12.68
N LYS A 98 14.65 -30.66 -12.22
CA LYS A 98 14.69 -32.09 -11.94
C LYS A 98 14.35 -32.33 -10.47
N ILE A 99 13.24 -33.03 -10.23
CA ILE A 99 12.87 -33.46 -8.89
C ILE A 99 13.43 -34.86 -8.67
N VAL A 100 14.31 -35.00 -7.69
CA VAL A 100 15.06 -36.24 -7.50
C VAL A 100 14.63 -36.89 -6.19
N ARG A 101 15.01 -38.17 -6.04
CA ARG A 101 14.69 -38.96 -4.86
C ARG A 101 15.80 -38.82 -3.84
N ALA A 102 15.42 -38.55 -2.59
CA ALA A 102 16.38 -38.38 -1.51
C ALA A 102 16.66 -39.71 -0.83
N SER A 103 17.64 -39.70 0.08
CA SER A 103 17.99 -40.92 0.81
C SER A 103 16.85 -41.37 1.71
N ASN A 104 16.17 -40.43 2.37
CA ASN A 104 15.09 -40.75 3.29
C ASN A 104 13.73 -40.77 2.61
N GLY A 105 13.69 -40.97 1.30
CA GLY A 105 12.42 -41.05 0.59
C GLY A 105 11.63 -39.76 0.56
N ASP A 106 12.29 -38.63 0.31
CA ASP A 106 11.63 -37.34 0.27
C ASP A 106 11.85 -36.69 -1.09
N ALA A 107 10.81 -36.04 -1.61
CA ALA A 107 10.87 -35.41 -2.92
C ALA A 107 11.69 -34.12 -2.82
N TRP A 108 12.92 -34.15 -3.32
CA TRP A 108 13.83 -33.02 -3.26
C TRP A 108 13.92 -32.35 -4.62
N VAL A 109 14.76 -31.32 -4.71
CA VAL A 109 15.01 -30.61 -5.96
C VAL A 109 16.51 -30.57 -6.19
N GLU A 110 16.89 -30.34 -7.45
CA GLU A 110 18.26 -30.45 -7.90
C GLU A 110 18.73 -29.13 -8.49
N ALA A 111 19.99 -28.78 -8.26
CA ALA A 111 20.54 -27.55 -8.82
C ALA A 111 22.07 -27.67 -8.87
N HIS A 112 22.61 -27.82 -10.07
CA HIS A 112 24.06 -27.79 -10.30
C HIS A 112 24.80 -28.78 -9.40
N GLY A 113 24.27 -30.00 -9.34
CA GLY A 113 24.91 -31.05 -8.55
C GLY A 113 24.92 -30.80 -7.06
N LYS A 114 23.88 -30.17 -6.53
CA LYS A 114 23.75 -29.95 -5.09
C LYS A 114 22.33 -30.25 -4.69
N LEU A 115 22.17 -31.01 -3.60
CA LEU A 115 20.87 -31.52 -3.18
C LEU A 115 20.20 -30.51 -2.26
N TYR A 116 18.99 -30.08 -2.63
CA TYR A 116 18.18 -29.18 -1.81
C TYR A 116 16.86 -29.85 -1.50
N SER A 117 16.49 -29.87 -0.24
CA SER A 117 15.17 -30.33 0.16
C SER A 117 14.14 -29.22 -0.06
N PRO A 118 12.86 -29.59 -0.24
CA PRO A 118 11.83 -28.56 -0.40
C PRO A 118 11.70 -27.65 0.81
N SER A 119 12.18 -28.09 1.97
CA SER A 119 12.21 -27.21 3.14
C SER A 119 13.22 -26.09 2.95
N GLN A 120 14.35 -26.38 2.29
CA GLN A 120 15.40 -25.38 2.16
C GLN A 120 15.02 -24.24 1.23
N ILE A 121 14.23 -24.53 0.18
CA ILE A 121 13.76 -23.45 -0.70
C ILE A 121 12.91 -22.47 0.08
N GLY A 122 11.94 -23.00 0.83
CA GLY A 122 11.15 -22.15 1.70
C GLY A 122 12.00 -21.45 2.74
N ALA A 123 13.07 -22.10 3.20
CA ALA A 123 13.98 -21.45 4.13
C ALA A 123 14.63 -20.23 3.50
N PHE A 124 15.04 -20.34 2.23
CA PHE A 124 15.63 -19.20 1.55
C PHE A 124 14.62 -18.07 1.38
N VAL A 125 13.39 -18.40 1.01
CA VAL A 125 12.36 -17.36 0.90
C VAL A 125 12.13 -16.72 2.27
N LEU A 126 12.14 -17.53 3.34
CA LEU A 126 11.97 -17.00 4.68
C LEU A 126 13.13 -16.09 5.07
N MET A 127 14.34 -16.41 4.59
CA MET A 127 15.47 -15.50 4.78
C MET A 127 15.21 -14.17 4.08
N LYS A 128 14.62 -14.23 2.88
CA LYS A 128 14.30 -13.00 2.16
C LYS A 128 13.32 -12.14 2.96
N MET A 129 12.23 -12.74 3.45
CA MET A 129 11.31 -11.92 4.24
C MET A 129 11.91 -11.50 5.57
N LYS A 130 12.82 -12.30 6.15
CA LYS A 130 13.49 -11.87 7.36
C LYS A 130 14.32 -10.63 7.09
N GLU A 131 15.01 -10.57 5.95
CA GLU A 131 15.74 -9.37 5.58
C GLU A 131 14.80 -8.18 5.36
N THR A 132 13.70 -8.40 4.65
CA THR A 132 12.76 -7.31 4.39
C THR A 132 12.00 -6.87 5.63
N ALA A 133 12.01 -7.66 6.70
CA ALA A 133 11.43 -7.24 7.97
C ALA A 133 12.46 -6.57 8.87
N GLU A 134 13.71 -7.05 8.84
CA GLU A 134 14.77 -6.39 9.60
C GLU A 134 15.09 -5.02 9.01
N ASN A 135 14.90 -4.85 7.70
CA ASN A 135 15.07 -3.54 7.10
C ASN A 135 14.12 -2.52 7.70
N TYR A 136 12.84 -2.88 7.84
CA TYR A 136 11.87 -1.96 8.42
C TYR A 136 12.08 -1.81 9.92
N LEU A 137 12.27 -2.93 10.63
CA LEU A 137 12.40 -2.87 12.08
C LEU A 137 13.66 -2.13 12.50
N GLY A 138 14.78 -2.38 11.83
CA GLY A 138 16.05 -1.80 12.22
C GLY A 138 16.90 -2.78 13.00
N HIS A 139 16.26 -3.56 13.87
CA HIS A 139 16.92 -4.60 14.64
C HIS A 139 16.44 -5.98 14.18
N THR A 140 17.28 -6.98 14.42
CA THR A 140 17.00 -8.32 13.93
C THR A 140 15.78 -8.92 14.62
N ALA A 141 15.04 -9.74 13.88
CA ALA A 141 13.89 -10.46 14.40
C ALA A 141 14.22 -11.92 14.52
N LYS A 142 13.94 -12.50 15.69
CA LYS A 142 14.28 -13.89 15.99
C LYS A 142 13.09 -14.83 15.99
N ASN A 143 11.99 -14.44 16.62
CA ASN A 143 10.79 -15.26 16.72
C ASN A 143 9.77 -14.84 15.67
N ALA A 144 9.17 -15.83 15.02
CA ALA A 144 8.20 -15.55 13.96
C ALA A 144 7.11 -16.60 13.98
N VAL A 145 5.98 -16.24 13.37
CA VAL A 145 4.83 -17.14 13.21
C VAL A 145 4.60 -17.31 11.72
N ILE A 146 4.61 -18.57 11.26
CA ILE A 146 4.43 -18.89 9.85
C ILE A 146 3.17 -19.70 9.69
N THR A 147 2.39 -19.38 8.66
CA THR A 147 1.08 -19.98 8.43
C THR A 147 1.16 -21.11 7.42
N VAL A 148 0.33 -22.13 7.63
CA VAL A 148 0.26 -23.28 6.73
C VAL A 148 -1.20 -23.52 6.38
N PRO A 149 -1.46 -24.16 5.24
CA PRO A 149 -2.85 -24.48 4.89
C PRO A 149 -3.45 -25.48 5.86
N ALA A 150 -4.78 -25.42 6.00
CA ALA A 150 -5.48 -26.22 6.99
C ALA A 150 -5.44 -27.72 6.69
N TYR A 151 -5.09 -28.11 5.48
CA TYR A 151 -5.01 -29.53 5.14
C TYR A 151 -3.62 -30.11 5.34
N PHE A 152 -2.67 -29.34 5.86
CA PHE A 152 -1.33 -29.84 6.11
C PHE A 152 -1.34 -30.87 7.24
N ASN A 153 -0.59 -31.94 7.06
CA ASN A 153 -0.47 -32.97 8.08
C ASN A 153 0.47 -32.48 9.18
N ASP A 154 0.79 -33.35 10.13
CA ASP A 154 1.77 -33.01 11.15
C ASP A 154 3.19 -33.07 10.63
N SER A 155 3.45 -33.98 9.67
CA SER A 155 4.77 -34.04 9.06
C SER A 155 5.07 -32.76 8.28
N GLN A 156 4.09 -32.25 7.55
CA GLN A 156 4.28 -30.99 6.83
C GLN A 156 4.45 -29.82 7.78
N ARG A 157 3.75 -29.82 8.91
CA ARG A 157 3.96 -28.78 9.92
C ARG A 157 5.36 -28.85 10.49
N GLN A 158 5.86 -30.06 10.74
CA GLN A 158 7.24 -30.20 11.20
C GLN A 158 8.22 -29.71 10.14
N ALA A 159 7.94 -30.00 8.87
CA ALA A 159 8.81 -29.53 7.81
C ALA A 159 8.84 -28.02 7.73
N THR A 160 7.68 -27.37 7.89
CA THR A 160 7.65 -25.91 7.88
C THR A 160 8.33 -25.33 9.11
N LYS A 161 8.22 -26.00 10.26
CA LYS A 161 8.96 -25.58 11.44
C LYS A 161 10.46 -25.65 11.20
N ASP A 162 10.92 -26.72 10.56
CA ASP A 162 12.34 -26.83 10.22
C ASP A 162 12.76 -25.75 9.23
N ALA A 163 11.92 -25.47 8.24
CA ALA A 163 12.22 -24.42 7.28
C ALA A 163 12.36 -23.07 7.95
N GLY A 164 11.47 -22.78 8.90
CA GLY A 164 11.59 -21.55 9.67
C GLY A 164 12.85 -21.52 10.51
N GLN A 165 13.18 -22.64 11.15
CA GLN A 165 14.35 -22.69 12.03
C GLN A 165 15.65 -22.52 11.24
N ILE A 166 15.72 -23.08 10.04
CA ILE A 166 16.94 -23.03 9.25
C ILE A 166 17.32 -21.59 8.94
N SER A 167 16.33 -20.74 8.67
CA SER A 167 16.62 -19.35 8.33
C SER A 167 16.81 -18.50 9.57
N GLY A 168 17.66 -18.94 10.49
CA GLY A 168 17.97 -18.20 11.70
C GLY A 168 16.77 -17.61 12.39
N LEU A 169 15.68 -18.38 12.48
CA LEU A 169 14.39 -17.88 12.92
C LEU A 169 13.73 -18.95 13.79
N ASN A 170 13.76 -18.75 15.10
CA ASN A 170 13.09 -19.66 16.02
C ASN A 170 11.59 -19.49 15.82
N VAL A 171 10.98 -20.44 15.12
CA VAL A 171 9.56 -20.33 14.81
C VAL A 171 8.74 -20.46 16.08
N LEU A 172 7.91 -19.45 16.34
CA LEU A 172 7.17 -19.41 17.60
C LEU A 172 6.07 -20.47 17.61
N ARG A 173 5.18 -20.43 16.61
CA ARG A 173 4.14 -21.43 16.47
C ARG A 173 3.64 -21.41 15.03
N VAL A 174 3.30 -22.59 14.52
CA VAL A 174 2.76 -22.72 13.17
C VAL A 174 1.25 -22.63 13.25
N ILE A 175 0.67 -21.71 12.49
CA ILE A 175 -0.75 -21.41 12.56
C ILE A 175 -1.42 -21.86 11.28
N ASN A 176 -2.74 -22.05 11.37
CA ASN A 176 -3.54 -22.40 10.20
C ASN A 176 -3.90 -21.14 9.42
N GLU A 177 -3.99 -21.28 8.10
CA GLU A 177 -4.45 -20.16 7.28
C GLU A 177 -5.88 -19.74 7.58
N PRO A 178 -6.86 -20.64 7.71
CA PRO A 178 -8.19 -20.20 8.14
C PRO A 178 -8.19 -19.57 9.53
N THR A 179 -7.39 -20.09 10.46
CA THR A 179 -7.32 -19.49 11.79
C THR A 179 -6.72 -18.09 11.73
N ALA A 180 -5.68 -17.90 10.91
CA ALA A 180 -5.11 -16.57 10.74
C ALA A 180 -6.11 -15.62 10.11
N ALA A 181 -6.89 -16.10 9.14
CA ALA A 181 -7.92 -15.27 8.52
C ALA A 181 -8.97 -14.86 9.54
N ALA A 182 -9.40 -15.80 10.39
CA ALA A 182 -10.37 -15.47 11.42
C ALA A 182 -9.81 -14.47 12.42
N LEU A 183 -8.55 -14.63 12.80
CA LEU A 183 -7.91 -13.67 13.70
C LEU A 183 -7.88 -12.28 13.06
N ALA A 184 -7.54 -12.20 11.78
CA ALA A 184 -7.51 -10.91 11.10
C ALA A 184 -8.90 -10.29 11.02
N TYR A 185 -9.92 -11.11 10.75
CA TYR A 185 -11.28 -10.60 10.68
C TYR A 185 -11.86 -10.29 12.06
N GLY A 186 -11.19 -10.72 13.13
CA GLY A 186 -11.58 -10.32 14.47
C GLY A 186 -12.57 -11.23 15.16
N LEU A 187 -12.64 -12.50 14.77
CA LEU A 187 -13.56 -13.45 15.38
C LEU A 187 -12.93 -14.20 16.56
N ASP A 188 -11.71 -13.84 16.95
CA ASP A 188 -11.10 -14.49 18.11
C ASP A 188 -11.85 -14.17 19.39
N LYS A 189 -12.25 -12.90 19.57
CA LYS A 189 -12.95 -12.47 20.78
C LYS A 189 -14.47 -12.56 20.58
N SER A 190 -14.91 -13.77 20.21
CA SER A 190 -16.32 -14.02 19.94
C SER A 190 -16.73 -15.33 20.61
N GLU A 191 -18.03 -15.46 20.86
CA GLU A 191 -18.56 -16.64 21.51
C GLU A 191 -18.51 -17.84 20.57
N ASP A 192 -19.02 -18.98 21.05
CA ASP A 192 -19.02 -20.18 20.24
C ASP A 192 -19.87 -19.99 18.99
N LYS A 193 -19.33 -20.37 17.84
CA LYS A 193 -19.99 -20.19 16.57
C LYS A 193 -19.44 -21.22 15.59
N VAL A 194 -20.01 -21.23 14.38
CA VAL A 194 -19.49 -21.99 13.26
C VAL A 194 -19.35 -21.05 12.08
N ILE A 195 -18.16 -21.04 11.47
CA ILE A 195 -17.87 -20.13 10.37
C ILE A 195 -17.22 -20.91 9.24
N ALA A 196 -17.25 -20.33 8.05
CA ALA A 196 -16.65 -20.90 6.86
C ALA A 196 -15.75 -19.87 6.20
N VAL A 197 -14.60 -20.32 5.72
CA VAL A 197 -13.58 -19.43 5.15
C VAL A 197 -13.53 -19.67 3.65
N TYR A 198 -13.85 -18.63 2.87
CA TYR A 198 -13.89 -18.70 1.42
C TYR A 198 -12.58 -18.14 0.87
N ASP A 199 -11.71 -19.03 0.39
CA ASP A 199 -10.38 -18.65 -0.10
C ASP A 199 -10.34 -18.86 -1.60
N LEU A 200 -10.63 -17.80 -2.35
CA LEU A 200 -10.59 -17.82 -3.81
C LEU A 200 -9.82 -16.61 -4.30
N GLY A 201 -8.92 -16.81 -5.26
CA GLY A 201 -8.17 -15.70 -5.81
C GLY A 201 -6.70 -16.02 -6.04
N GLY A 202 -6.14 -16.89 -5.22
CA GLY A 202 -4.76 -17.31 -5.37
C GLY A 202 -4.59 -18.31 -6.49
N GLY A 203 -3.59 -19.17 -6.36
CA GLY A 203 -3.43 -20.26 -7.31
C GLY A 203 -4.32 -21.46 -7.07
N THR A 204 -5.05 -21.46 -5.96
CA THR A 204 -5.91 -22.59 -5.60
C THR A 204 -7.11 -22.04 -4.83
N PHE A 205 -8.16 -22.86 -4.75
CA PHE A 205 -9.36 -22.52 -4.01
C PHE A 205 -9.49 -23.48 -2.82
N ASP A 206 -9.81 -22.94 -1.65
CA ASP A 206 -9.93 -23.74 -0.44
C ASP A 206 -11.06 -23.20 0.42
N ILE A 207 -11.92 -24.09 0.92
CA ILE A 207 -13.01 -23.75 1.82
C ILE A 207 -12.89 -24.62 3.07
N SER A 208 -12.86 -23.96 4.23
CA SER A 208 -12.70 -24.66 5.50
C SER A 208 -13.75 -24.16 6.48
N ILE A 209 -14.38 -25.10 7.19
CA ILE A 209 -15.41 -24.79 8.17
C ILE A 209 -14.79 -24.88 9.55
N LEU A 210 -14.89 -23.80 10.32
CA LEU A 210 -14.23 -23.69 11.61
C LEU A 210 -15.24 -23.84 12.74
N GLU A 211 -14.75 -23.64 13.97
CA GLU A 211 -15.58 -23.68 15.17
C GLU A 211 -14.86 -22.90 16.25
N ILE A 212 -15.58 -22.01 16.94
CA ILE A 212 -14.93 -21.05 17.82
C ILE A 212 -15.34 -21.30 19.27
N GLN A 213 -15.55 -22.57 19.62
CA GLN A 213 -15.95 -22.89 20.99
C GLN A 213 -14.80 -22.63 21.96
N LYS A 214 -15.12 -22.11 23.13
CA LYS A 214 -14.18 -21.84 24.22
C LYS A 214 -13.06 -20.89 23.81
N GLY A 215 -13.25 -20.11 22.75
CA GLY A 215 -12.25 -19.16 22.31
C GLY A 215 -11.08 -19.76 21.55
N VAL A 216 -11.15 -21.04 21.20
CA VAL A 216 -10.09 -21.72 20.46
C VAL A 216 -10.69 -22.31 19.19
N PHE A 217 -10.00 -22.12 18.06
CA PHE A 217 -10.51 -22.52 16.77
C PHE A 217 -10.17 -23.97 16.48
N GLU A 218 -11.19 -24.76 16.13
CA GLU A 218 -11.02 -26.15 15.75
C GLU A 218 -11.52 -26.34 14.33
N VAL A 219 -10.69 -26.91 13.47
CA VAL A 219 -11.04 -27.12 12.07
C VAL A 219 -11.99 -28.30 11.96
N LYS A 220 -13.11 -28.10 11.28
CA LYS A 220 -14.14 -29.13 11.13
C LYS A 220 -14.03 -29.87 9.80
N SER A 221 -13.98 -29.14 8.69
CA SER A 221 -13.84 -29.77 7.39
C SER A 221 -13.16 -28.81 6.43
N THR A 222 -12.37 -29.37 5.50
CA THR A 222 -11.65 -28.62 4.49
C THR A 222 -11.91 -29.22 3.13
N ASN A 223 -12.06 -28.36 2.12
CA ASN A 223 -12.25 -28.79 0.74
C ASN A 223 -11.86 -27.65 -0.18
N GLY A 224 -11.91 -27.90 -1.47
CA GLY A 224 -11.60 -26.88 -2.45
C GLY A 224 -11.32 -27.47 -3.81
N ASP A 225 -10.94 -26.59 -4.72
CA ASP A 225 -10.64 -26.93 -6.10
C ASP A 225 -9.15 -26.78 -6.36
N THR A 226 -8.52 -27.85 -6.86
CA THR A 226 -7.07 -27.82 -7.06
C THR A 226 -6.69 -26.94 -8.24
N PHE A 227 -7.40 -27.06 -9.36
CA PHE A 227 -7.02 -26.40 -10.61
C PHE A 227 -7.86 -25.16 -10.90
N LEU A 228 -8.22 -24.41 -9.86
CA LEU A 228 -9.01 -23.20 -10.02
C LEU A 228 -8.34 -22.08 -9.23
N GLY A 229 -8.32 -20.88 -9.80
CA GLY A 229 -7.67 -19.78 -9.14
C GLY A 229 -7.95 -18.46 -9.84
N GLY A 230 -7.30 -17.42 -9.34
CA GLY A 230 -7.50 -16.08 -9.87
C GLY A 230 -6.83 -15.82 -11.20
N GLU A 231 -5.96 -16.72 -11.66
CA GLU A 231 -5.36 -16.56 -12.97
C GLU A 231 -6.33 -16.91 -14.09
N ASP A 232 -7.30 -17.80 -13.82
CA ASP A 232 -8.25 -18.20 -14.86
C ASP A 232 -9.19 -17.06 -15.22
N PHE A 233 -9.56 -16.23 -14.25
CA PHE A 233 -10.43 -15.08 -14.56
C PHE A 233 -9.73 -14.13 -15.51
N ASP A 234 -8.46 -13.81 -15.22
CA ASP A 234 -7.69 -12.93 -16.09
C ASP A 234 -7.49 -13.57 -17.46
N GLN A 235 -7.24 -14.87 -17.51
CA GLN A 235 -7.05 -15.54 -18.80
C GLN A 235 -8.33 -15.52 -19.62
N ALA A 236 -9.48 -15.72 -18.98
CA ALA A 236 -10.75 -15.67 -19.69
C ALA A 236 -11.00 -14.28 -20.26
N LEU A 237 -10.76 -13.24 -19.46
CA LEU A 237 -10.95 -11.88 -19.94
C LEU A 237 -9.98 -11.56 -21.07
N LEU A 238 -8.72 -11.98 -20.94
CA LEU A 238 -7.74 -11.75 -21.99
C LEU A 238 -8.13 -12.43 -23.29
N ARG A 239 -8.58 -13.68 -23.22
CA ARG A 239 -8.99 -14.40 -24.42
C ARG A 239 -10.21 -13.75 -25.06
N HIS A 240 -11.16 -13.30 -24.25
CA HIS A 240 -12.32 -12.61 -24.81
C HIS A 240 -11.90 -11.32 -25.52
N ILE A 241 -10.99 -10.55 -24.92
CA ILE A 241 -10.55 -9.32 -25.54
C ILE A 241 -9.81 -9.60 -26.85
N VAL A 242 -8.94 -10.62 -26.85
CA VAL A 242 -8.21 -10.96 -28.07
C VAL A 242 -9.17 -11.38 -29.17
N LYS A 243 -10.15 -12.22 -28.85
CA LYS A 243 -11.10 -12.67 -29.85
C LYS A 243 -11.94 -11.51 -30.38
N GLU A 244 -12.37 -10.60 -29.48
CA GLU A 244 -13.15 -9.45 -29.92
C GLU A 244 -12.34 -8.55 -30.84
N PHE A 245 -11.07 -8.30 -30.52
CA PHE A 245 -10.23 -7.48 -31.38
C PHE A 245 -10.01 -8.13 -32.73
N LYS A 246 -9.77 -9.44 -32.75
CA LYS A 246 -9.57 -10.14 -34.01
C LYS A 246 -10.84 -10.09 -34.86
N ARG A 247 -12.00 -10.23 -34.23
CA ARG A 247 -13.26 -10.10 -34.97
C ARG A 247 -13.44 -8.68 -35.50
N GLU A 248 -13.05 -7.68 -34.71
CA GLU A 248 -13.29 -6.29 -35.08
C GLU A 248 -12.41 -5.87 -36.25
N THR A 249 -11.12 -6.17 -36.20
CA THR A 249 -10.19 -5.73 -37.24
C THR A 249 -9.67 -6.88 -38.09
N GLY A 250 -9.07 -7.90 -37.48
CA GLY A 250 -8.58 -9.02 -38.25
C GLY A 250 -7.16 -9.42 -37.92
N VAL A 251 -6.60 -8.85 -36.84
CA VAL A 251 -5.26 -9.19 -36.38
C VAL A 251 -5.38 -9.85 -35.01
N ASP A 252 -4.74 -10.99 -34.85
CA ASP A 252 -4.73 -11.71 -33.58
C ASP A 252 -3.44 -11.38 -32.84
N LEU A 253 -3.59 -10.99 -31.57
CA LEU A 253 -2.44 -10.60 -30.76
C LEU A 253 -1.73 -11.79 -30.13
N THR A 254 -2.20 -13.02 -30.36
CA THR A 254 -1.54 -14.19 -29.80
C THR A 254 -0.14 -14.34 -30.35
N LYS A 255 0.07 -14.05 -31.64
CA LYS A 255 1.40 -14.07 -32.21
C LYS A 255 2.25 -12.91 -31.72
N ASP A 256 1.63 -11.86 -31.18
CA ASP A 256 2.36 -10.73 -30.61
C ASP A 256 2.72 -11.02 -29.16
N ASN A 257 3.70 -10.28 -28.65
CA ASN A 257 4.11 -10.39 -27.26
C ASN A 257 3.94 -9.09 -26.49
N MET A 258 4.44 -7.97 -27.02
CA MET A 258 4.26 -6.70 -26.35
C MET A 258 2.79 -6.30 -26.31
N ALA A 259 2.07 -6.50 -27.42
CA ALA A 259 0.64 -6.22 -27.45
C ALA A 259 -0.09 -7.12 -26.47
N LEU A 260 0.32 -8.38 -26.37
CA LEU A 260 -0.29 -9.29 -25.41
C LEU A 260 -0.07 -8.81 -23.98
N GLN A 261 1.13 -8.33 -23.68
CA GLN A 261 1.41 -7.83 -22.34
C GLN A 261 0.56 -6.60 -22.02
N ARG A 262 0.46 -5.67 -22.97
CA ARG A 262 -0.36 -4.48 -22.75
C ARG A 262 -1.82 -4.86 -22.54
N VAL A 263 -2.32 -5.80 -23.35
CA VAL A 263 -3.72 -6.22 -23.23
C VAL A 263 -3.95 -6.92 -21.91
N ARG A 264 -2.99 -7.74 -21.46
CA ARG A 264 -3.12 -8.42 -20.17
C ARG A 264 -3.18 -7.42 -19.02
N GLU A 265 -2.31 -6.41 -19.05
CA GLU A 265 -2.31 -5.42 -17.98
C GLU A 265 -3.59 -4.59 -18.01
N ALA A 266 -4.08 -4.23 -19.19
CA ALA A 266 -5.35 -3.51 -19.29
C ALA A 266 -6.51 -4.37 -18.81
N ALA A 267 -6.47 -5.67 -19.10
CA ALA A 267 -7.51 -6.57 -18.63
C ALA A 267 -7.51 -6.67 -17.11
N GLU A 268 -6.32 -6.75 -16.50
CA GLU A 268 -6.25 -6.76 -15.04
C GLU A 268 -6.80 -5.45 -14.47
N LYS A 269 -6.45 -4.32 -15.07
CA LYS A 269 -6.94 -3.04 -14.58
C LYS A 269 -8.45 -2.95 -14.70
N ALA A 270 -9.02 -3.40 -15.81
CA ALA A 270 -10.47 -3.35 -15.98
C ALA A 270 -11.18 -4.32 -15.05
N LYS A 271 -10.61 -5.51 -14.85
CA LYS A 271 -11.21 -6.47 -13.93
C LYS A 271 -11.22 -5.94 -12.51
N CYS A 272 -10.13 -5.31 -12.08
CA CYS A 272 -10.13 -4.66 -10.78
C CYS A 272 -11.07 -3.46 -10.75
N GLU A 273 -11.31 -2.84 -11.91
CA GLU A 273 -12.26 -1.73 -11.99
C GLU A 273 -13.71 -2.23 -12.00
N LEU A 274 -13.95 -3.41 -12.55
CA LEU A 274 -15.32 -3.95 -12.64
C LEU A 274 -15.73 -4.62 -11.34
N SER A 275 -15.54 -3.93 -10.22
CA SER A 275 -16.04 -4.36 -8.93
C SER A 275 -16.73 -3.24 -8.15
N SER A 276 -16.43 -1.98 -8.44
CA SER A 276 -17.14 -0.85 -7.87
C SER A 276 -17.76 0.05 -8.93
N SER A 277 -17.54 -0.25 -10.21
CA SER A 277 -18.13 0.51 -11.31
C SER A 277 -18.87 -0.44 -12.24
N VAL A 278 -20.03 -0.02 -12.70
CA VAL A 278 -20.87 -0.88 -13.55
C VAL A 278 -20.24 -1.06 -14.93
N GLN A 279 -19.71 0.02 -15.50
CA GLN A 279 -19.21 0.02 -16.87
C GLN A 279 -17.76 0.47 -16.90
N THR A 280 -16.96 -0.18 -17.75
CA THR A 280 -15.57 0.20 -17.94
C THR A 280 -15.24 0.18 -19.42
N ASP A 281 -14.17 0.88 -19.78
CA ASP A 281 -13.66 0.91 -21.15
C ASP A 281 -12.16 0.67 -21.14
N ILE A 282 -11.67 0.04 -22.21
CA ILE A 282 -10.27 -0.33 -22.32
C ILE A 282 -9.68 0.42 -23.50
N ASN A 283 -8.70 1.27 -23.23
CA ASN A 283 -8.03 2.07 -24.24
C ASN A 283 -6.58 1.63 -24.34
N LEU A 284 -6.15 1.24 -25.53
CA LEU A 284 -4.77 0.84 -25.79
C LEU A 284 -4.36 1.36 -27.15
N PRO A 285 -3.94 2.62 -27.23
CA PRO A 285 -3.53 3.18 -28.52
C PRO A 285 -2.26 2.52 -29.05
N TYR A 286 -2.17 2.47 -30.38
CA TYR A 286 -1.02 1.91 -31.07
C TYR A 286 -0.68 0.51 -30.56
N LEU A 287 -1.68 -0.36 -30.57
CA LEU A 287 -1.49 -1.70 -30.04
C LEU A 287 -0.65 -2.56 -30.96
N THR A 288 -0.91 -2.50 -32.27
CA THR A 288 -0.18 -3.33 -33.23
C THR A 288 0.08 -2.52 -34.49
N MET A 289 1.10 -2.94 -35.23
CA MET A 289 1.47 -2.33 -36.50
C MET A 289 1.03 -3.23 -37.64
N ASP A 290 0.36 -2.66 -38.63
CA ASP A 290 -0.06 -3.37 -39.82
C ASP A 290 0.34 -2.56 -41.05
N SER A 291 0.37 -3.24 -42.20
CA SER A 291 0.73 -2.56 -43.44
C SER A 291 -0.22 -1.41 -43.74
N SER A 292 -1.48 -1.54 -43.35
CA SER A 292 -2.44 -0.44 -43.50
C SER A 292 -2.22 0.68 -42.50
N GLY A 293 -1.41 0.45 -41.46
CA GLY A 293 -1.14 1.45 -40.46
C GLY A 293 -1.35 0.94 -39.05
N PRO A 294 -1.23 1.82 -38.07
CA PRO A 294 -1.45 1.40 -36.68
C PRO A 294 -2.90 1.02 -36.43
N LYS A 295 -3.09 0.11 -35.47
CA LYS A 295 -4.42 -0.34 -35.06
C LYS A 295 -4.61 -0.05 -33.59
N HIS A 296 -5.75 0.54 -33.24
CA HIS A 296 -6.07 0.90 -31.87
C HIS A 296 -7.18 0.00 -31.34
N LEU A 297 -7.10 -0.36 -30.06
CA LEU A 297 -8.11 -1.17 -29.41
C LEU A 297 -8.98 -0.29 -28.53
N ASN A 298 -10.30 -0.42 -28.67
CA ASN A 298 -11.24 0.37 -27.88
C ASN A 298 -12.47 -0.49 -27.63
N MET A 299 -12.54 -1.08 -26.44
CA MET A 299 -13.61 -1.99 -26.07
C MET A 299 -14.39 -1.41 -24.90
N LYS A 300 -15.72 -1.43 -25.03
CA LYS A 300 -16.62 -1.04 -23.95
C LYS A 300 -17.08 -2.31 -23.26
N LEU A 301 -16.67 -2.49 -22.01
CA LEU A 301 -16.96 -3.70 -21.24
C LEU A 301 -17.86 -3.36 -20.06
N THR A 302 -18.99 -4.04 -19.96
CA THR A 302 -19.94 -3.85 -18.88
C THR A 302 -19.81 -5.00 -17.88
N ARG A 303 -20.39 -4.80 -16.70
CA ARG A 303 -20.28 -5.80 -15.64
C ARG A 303 -20.97 -7.10 -16.03
N ALA A 304 -22.10 -7.01 -16.73
CA ALA A 304 -22.83 -8.21 -17.11
C ALA A 304 -22.01 -9.11 -18.03
N GLN A 305 -21.29 -8.52 -18.99
CA GLN A 305 -20.46 -9.32 -19.88
C GLN A 305 -19.36 -10.03 -19.10
N PHE A 306 -18.71 -9.32 -18.17
CA PHE A 306 -17.67 -9.95 -17.37
C PHE A 306 -18.24 -11.08 -16.52
N GLU A 307 -19.41 -10.86 -15.92
CA GLU A 307 -20.03 -11.92 -15.12
C GLU A 307 -20.36 -13.13 -15.98
N GLY A 308 -20.81 -12.90 -17.22
CA GLY A 308 -21.12 -14.01 -18.10
C GLY A 308 -19.90 -14.74 -18.63
N ILE A 309 -18.76 -14.05 -18.69
CA ILE A 309 -17.54 -14.69 -19.16
C ILE A 309 -17.05 -15.73 -18.14
N VAL A 310 -17.02 -15.35 -16.87
CA VAL A 310 -16.42 -16.16 -15.82
C VAL A 310 -17.48 -16.88 -14.98
N THR A 311 -18.70 -16.99 -15.49
CA THR A 311 -19.77 -17.63 -14.71
C THR A 311 -19.45 -19.09 -14.43
N ASP A 312 -18.82 -19.78 -15.37
CA ASP A 312 -18.46 -21.18 -15.16
C ASP A 312 -17.47 -21.34 -14.01
N LEU A 313 -16.49 -20.44 -13.92
CA LEU A 313 -15.50 -20.54 -12.85
C LEU A 313 -16.15 -20.38 -11.49
N ILE A 314 -17.03 -19.38 -11.33
CA ILE A 314 -17.70 -19.17 -10.07
C ILE A 314 -18.66 -20.31 -9.77
N ARG A 315 -19.31 -20.85 -10.79
CA ARG A 315 -20.15 -22.04 -10.62
C ARG A 315 -19.33 -23.20 -10.09
N ARG A 316 -18.06 -23.30 -10.49
CA ARG A 316 -17.19 -24.37 -10.02
C ARG A 316 -16.89 -24.27 -8.53
N THR A 317 -17.22 -23.16 -7.88
CA THR A 317 -16.99 -22.99 -6.45
C THR A 317 -18.24 -23.29 -5.63
N ILE A 318 -19.07 -24.23 -6.08
CA ILE A 318 -20.34 -24.53 -5.44
C ILE A 318 -20.36 -25.95 -4.87
N ALA A 319 -19.94 -26.93 -5.66
CA ALA A 319 -19.85 -28.30 -5.15
C ALA A 319 -18.90 -28.45 -3.99
N PRO A 320 -17.67 -27.91 -4.01
CA PRO A 320 -16.81 -28.04 -2.82
C PRO A 320 -17.39 -27.42 -1.57
N CYS A 321 -18.09 -26.29 -1.68
CA CYS A 321 -18.69 -25.69 -0.49
C CYS A 321 -19.78 -26.57 0.09
N GLN A 322 -20.62 -27.17 -0.77
CA GLN A 322 -21.65 -28.06 -0.28
C GLN A 322 -21.05 -29.30 0.36
N LYS A 323 -19.99 -29.85 -0.24
CA LYS A 323 -19.34 -31.02 0.34
C LYS A 323 -18.72 -30.68 1.69
N ALA A 324 -18.12 -29.50 1.80
CA ALA A 324 -17.55 -29.09 3.09
C ALA A 324 -18.62 -28.89 4.14
N MET A 325 -19.78 -28.37 3.74
CA MET A 325 -20.90 -28.25 4.68
C MET A 325 -21.39 -29.63 5.11
N GLN A 326 -21.43 -30.59 4.19
CA GLN A 326 -21.89 -31.93 4.53
C GLN A 326 -20.93 -32.62 5.49
N ASP A 327 -19.63 -32.57 5.20
CA ASP A 327 -18.64 -33.21 6.05
C ASP A 327 -18.54 -32.54 7.42
N ALA A 328 -18.89 -31.26 7.51
CA ALA A 328 -18.89 -30.56 8.80
C ALA A 328 -20.15 -30.84 9.62
N GLU A 329 -21.10 -31.58 9.07
CA GLU A 329 -22.32 -31.97 9.79
C GLU A 329 -23.08 -30.75 10.30
N VAL A 330 -23.13 -29.70 9.49
CA VAL A 330 -23.89 -28.49 9.81
C VAL A 330 -24.58 -28.01 8.56
N SER A 331 -25.86 -27.66 8.69
CA SER A 331 -26.64 -27.17 7.56
C SER A 331 -26.35 -25.68 7.35
N LYS A 332 -27.10 -25.06 6.44
CA LYS A 332 -26.86 -23.67 6.09
C LYS A 332 -27.25 -22.70 7.18
N SER A 333 -27.94 -23.15 8.23
CA SER A 333 -28.35 -22.27 9.31
C SER A 333 -27.38 -22.26 10.48
N ASP A 334 -26.50 -23.25 10.57
CA ASP A 334 -25.52 -23.27 11.65
C ASP A 334 -24.46 -22.18 11.47
N ILE A 335 -24.06 -21.94 10.21
CA ILE A 335 -22.98 -21.01 9.90
C ILE A 335 -23.37 -19.61 10.31
N GLY A 336 -22.68 -19.05 11.29
CA GLY A 336 -23.00 -17.75 11.84
C GLY A 336 -22.21 -16.60 11.25
N GLU A 337 -21.14 -16.91 10.52
CA GLU A 337 -20.33 -15.90 9.87
C GLU A 337 -19.59 -16.54 8.71
N VAL A 338 -19.30 -15.72 7.69
CA VAL A 338 -18.53 -16.16 6.53
C VAL A 338 -17.31 -15.24 6.39
N ILE A 339 -16.15 -15.84 6.19
CA ILE A 339 -14.90 -15.12 6.06
C ILE A 339 -14.47 -15.18 4.60
N LEU A 340 -14.21 -14.02 4.01
CA LEU A 340 -13.79 -13.92 2.62
C LEU A 340 -12.28 -13.64 2.58
N VAL A 341 -11.53 -14.52 1.93
CA VAL A 341 -10.11 -14.35 1.72
C VAL A 341 -9.81 -14.59 0.24
N GLY A 342 -8.77 -13.92 -0.25
CA GLY A 342 -8.37 -14.05 -1.64
C GLY A 342 -8.72 -12.83 -2.46
N GLY A 343 -8.06 -12.70 -3.61
CA GLY A 343 -8.25 -11.54 -4.45
C GLY A 343 -9.52 -11.54 -5.25
N MET A 344 -10.07 -12.72 -5.54
CA MET A 344 -11.26 -12.85 -6.37
C MET A 344 -12.56 -12.83 -5.58
N THR A 345 -12.49 -12.55 -4.27
CA THR A 345 -13.69 -12.43 -3.44
C THR A 345 -14.16 -10.99 -3.31
N ARG A 346 -13.92 -10.17 -4.34
CA ARG A 346 -14.38 -8.79 -4.36
C ARG A 346 -15.47 -8.52 -5.37
N MET A 347 -15.52 -9.27 -6.46
CA MET A 347 -16.56 -9.05 -7.46
C MET A 347 -17.93 -9.42 -6.88
N PRO A 348 -18.96 -8.62 -7.14
CA PRO A 348 -20.26 -8.88 -6.50
C PRO A 348 -20.87 -10.21 -6.84
N LYS A 349 -20.53 -10.81 -7.99
CA LYS A 349 -21.07 -12.14 -8.30
C LYS A 349 -20.56 -13.18 -7.33
N VAL A 350 -19.28 -13.11 -6.96
CA VAL A 350 -18.72 -14.07 -6.01
C VAL A 350 -19.37 -13.91 -4.64
N GLN A 351 -19.56 -12.67 -4.20
CA GLN A 351 -20.20 -12.43 -2.91
C GLN A 351 -21.65 -12.90 -2.93
N GLN A 352 -22.37 -12.67 -4.03
CA GLN A 352 -23.74 -13.17 -4.14
C GLN A 352 -23.77 -14.69 -4.09
N THR A 353 -22.84 -15.35 -4.78
CA THR A 353 -22.78 -16.81 -4.73
C THR A 353 -22.49 -17.30 -3.31
N VAL A 354 -21.59 -16.64 -2.61
CA VAL A 354 -21.27 -17.03 -1.23
C VAL A 354 -22.50 -16.87 -0.34
N GLN A 355 -23.20 -15.73 -0.47
CA GLN A 355 -24.40 -15.51 0.33
C GLN A 355 -25.47 -16.55 0.02
N ASP A 356 -25.63 -16.89 -1.25
CA ASP A 356 -26.58 -17.93 -1.62
C ASP A 356 -26.21 -19.28 -0.99
N LEU A 357 -24.91 -19.60 -1.00
CA LEU A 357 -24.48 -20.89 -0.49
C LEU A 357 -24.63 -20.99 1.02
N PHE A 358 -24.36 -19.89 1.74
CA PHE A 358 -24.34 -19.93 3.20
C PHE A 358 -25.55 -19.28 3.86
N GLY A 359 -26.26 -18.39 3.17
CA GLY A 359 -27.41 -17.72 3.75
C GLY A 359 -27.09 -16.49 4.57
N ARG A 360 -25.82 -16.08 4.65
CA ARG A 360 -25.42 -14.92 5.41
C ARG A 360 -24.63 -13.97 4.50
N ALA A 361 -24.74 -12.68 4.79
CA ALA A 361 -23.98 -11.69 4.06
C ALA A 361 -22.51 -11.80 4.47
N PRO A 362 -21.59 -12.03 3.54
CA PRO A 362 -20.19 -12.24 3.93
C PRO A 362 -19.57 -11.00 4.53
N SER A 363 -18.63 -11.22 5.45
CA SER A 363 -17.93 -10.12 6.11
C SER A 363 -16.79 -9.65 5.24
N LYS A 364 -16.77 -8.35 4.94
CA LYS A 364 -15.74 -7.74 4.09
C LYS A 364 -15.13 -6.54 4.80
N ALA A 365 -14.80 -6.71 6.08
CA ALA A 365 -14.23 -5.63 6.89
C ALA A 365 -12.71 -5.58 6.82
N VAL A 366 -12.06 -6.55 6.17
CA VAL A 366 -10.61 -6.58 6.05
C VAL A 366 -10.25 -6.92 4.61
N ASN A 367 -9.29 -6.19 4.06
CA ASN A 367 -8.78 -6.41 2.71
C ASN A 367 -8.40 -7.88 2.54
N PRO A 368 -9.13 -8.63 1.71
CA PRO A 368 -8.89 -10.08 1.63
C PRO A 368 -7.53 -10.45 1.08
N ASP A 369 -6.84 -9.54 0.39
CA ASP A 369 -5.54 -9.88 -0.19
C ASP A 369 -4.53 -10.24 0.89
N GLU A 370 -4.51 -9.49 1.98
CA GLU A 370 -3.49 -9.67 3.01
C GLU A 370 -4.12 -9.90 4.38
N ALA A 371 -5.10 -10.81 4.44
CA ALA A 371 -5.72 -11.12 5.72
C ALA A 371 -4.92 -12.18 6.49
N VAL A 372 -4.35 -13.15 5.78
CA VAL A 372 -3.62 -14.22 6.46
C VAL A 372 -2.38 -13.66 7.16
N ALA A 373 -1.63 -12.81 6.47
CA ALA A 373 -0.43 -12.23 7.07
C ALA A 373 -0.78 -11.33 8.25
N ILE A 374 -1.85 -10.53 8.13
CA ILE A 374 -2.26 -9.66 9.23
C ILE A 374 -2.68 -10.50 10.43
N GLY A 375 -3.45 -11.56 10.19
CA GLY A 375 -3.84 -12.43 11.30
C GLY A 375 -2.65 -13.10 11.96
N ALA A 376 -1.68 -13.54 11.16
CA ALA A 376 -0.48 -14.14 11.74
C ALA A 376 0.29 -13.15 12.58
N ALA A 377 0.40 -11.91 12.11
CA ALA A 377 1.08 -10.88 12.90
C ALA A 377 0.34 -10.61 14.21
N ILE A 378 -0.99 -10.56 14.15
CA ILE A 378 -1.78 -10.30 15.35
C ILE A 378 -1.60 -11.43 16.36
N GLN A 379 -1.66 -12.68 15.89
CA GLN A 379 -1.51 -13.81 16.80
C GLN A 379 -0.11 -13.87 17.37
N GLY A 380 0.92 -13.61 16.56
CA GLY A 380 2.28 -13.57 17.06
C GLY A 380 2.48 -12.49 18.10
N GLY A 381 1.89 -11.32 17.88
CA GLY A 381 2.00 -10.24 18.85
C GLY A 381 1.29 -10.56 20.15
N VAL A 382 0.10 -11.16 20.06
CA VAL A 382 -0.66 -11.47 21.27
C VAL A 382 0.01 -12.58 22.06
N LEU A 383 0.48 -13.63 21.38
CA LEU A 383 0.99 -14.80 22.08
C LEU A 383 2.25 -14.46 22.87
N ALA A 384 3.22 -13.84 22.22
CA ALA A 384 4.47 -13.45 22.88
C ALA A 384 4.80 -12.01 22.53
N GLY A 385 5.03 -11.19 23.55
CA GLY A 385 5.34 -9.80 23.34
C GLY A 385 4.49 -8.86 24.17
N ASP A 386 5.06 -7.74 24.59
CA ASP A 386 4.34 -6.76 25.40
C ASP A 386 3.58 -5.80 24.49
N VAL A 387 2.58 -6.36 23.82
CA VAL A 387 1.70 -5.58 22.96
C VAL A 387 0.28 -5.48 23.52
N THR A 388 -0.20 -6.52 24.22
CA THR A 388 -1.55 -6.48 24.78
C THR A 388 -1.70 -5.42 25.86
N ASP A 389 -0.60 -4.96 26.45
CA ASP A 389 -0.69 -3.87 27.42
C ASP A 389 -1.17 -2.58 26.76
N VAL A 390 -0.69 -2.30 25.55
CA VAL A 390 -1.12 -1.12 24.81
C VAL A 390 -2.53 -1.27 24.24
N LEU A 391 -3.08 -2.48 24.27
CA LEU A 391 -4.43 -2.69 23.74
C LEU A 391 -5.46 -1.89 24.53
N LEU A 392 -5.33 -1.86 25.85
CA LEU A 392 -6.24 -1.10 26.69
C LEU A 392 -5.91 0.39 26.63
N THR A 396 -9.73 10.79 22.50
CA THR A 396 -9.87 12.17 22.95
C THR A 396 -10.52 13.02 21.88
N PRO A 397 -11.80 13.35 22.06
CA PRO A 397 -12.52 14.17 21.07
C PRO A 397 -12.20 15.65 21.13
N LEU A 398 -11.47 16.11 22.14
CA LEU A 398 -11.17 17.53 22.28
C LEU A 398 -9.79 17.70 22.90
N SER A 399 -9.21 18.87 22.68
CA SER A 399 -7.91 19.21 23.23
C SER A 399 -7.99 20.52 24.02
N LEU A 400 -6.85 21.05 24.44
CA LEU A 400 -6.82 22.29 25.22
C LEU A 400 -5.74 23.20 24.67
N GLY A 401 -5.96 24.50 24.84
CA GLY A 401 -5.00 25.51 24.40
C GLY A 401 -5.12 26.80 25.17
N ILE A 402 -4.35 27.82 24.77
CA ILE A 402 -4.32 29.10 25.44
C ILE A 402 -4.49 30.20 24.39
N GLU A 403 -4.57 31.44 24.88
CA GLU A 403 -4.73 32.61 24.03
C GLU A 403 -3.41 33.35 23.88
N THR A 404 -3.14 33.84 22.67
CA THR A 404 -1.93 34.59 22.36
C THR A 404 -2.33 36.00 21.95
N LEU A 405 -1.34 36.89 21.91
CA LEU A 405 -1.59 38.28 21.54
C LEU A 405 -2.21 38.37 20.15
N GLY A 406 -1.76 37.53 19.22
CA GLY A 406 -2.32 37.51 17.88
C GLY A 406 -3.62 36.76 17.74
N GLY A 407 -4.13 36.15 18.81
CA GLY A 407 -5.37 35.42 18.76
C GLY A 407 -5.24 33.98 18.28
N VAL A 408 -4.02 33.51 18.00
CA VAL A 408 -3.84 32.14 17.52
C VAL A 408 -4.01 31.17 18.68
N PHE A 409 -4.80 30.12 18.44
CA PHE A 409 -5.05 29.09 19.46
C PHE A 409 -3.85 28.15 19.50
N THR A 410 -2.87 28.52 20.32
CA THR A 410 -1.68 27.69 20.47
C THR A 410 -2.02 26.38 21.16
N LYS A 411 -1.46 25.29 20.65
CA LYS A 411 -1.70 23.96 21.21
C LYS A 411 -0.59 23.65 22.19
N LEU A 412 -0.84 23.94 23.47
CA LEU A 412 0.17 23.69 24.49
C LEU A 412 0.30 22.20 24.81
N ILE A 413 -0.83 21.49 24.86
CA ILE A 413 -0.83 20.07 25.14
C ILE A 413 -1.52 19.35 23.98
N ASN A 414 -1.09 18.11 23.75
CA ASN A 414 -1.64 17.33 22.65
C ASN A 414 -3.05 16.84 22.99
N ARG A 415 -3.73 16.33 21.97
CA ARG A 415 -5.07 15.79 22.17
C ARG A 415 -5.03 14.42 22.84
N ASN A 416 -4.35 13.46 22.20
CA ASN A 416 -4.29 12.09 22.71
C ASN A 416 -3.10 11.96 23.67
N THR A 417 -3.29 12.47 24.88
CA THR A 417 -2.28 12.44 25.92
C THR A 417 -2.91 11.97 27.22
N THR A 418 -2.15 11.17 27.98
CA THR A 418 -2.62 10.68 29.26
C THR A 418 -2.80 11.84 30.25
N ILE A 419 -3.74 11.67 31.17
CA ILE A 419 -4.07 12.74 32.12
C ILE A 419 -2.87 13.13 32.98
N PRO A 420 -2.13 12.19 33.62
CA PRO A 420 -0.99 12.67 34.44
C PRO A 420 0.25 12.98 33.60
N THR A 421 0.18 14.08 32.86
CA THR A 421 1.28 14.52 32.01
C THR A 421 1.54 16.00 32.24
N LYS A 422 2.80 16.35 32.51
CA LYS A 422 3.19 17.73 32.76
C LYS A 422 4.09 18.22 31.63
N LYS A 423 3.74 19.36 31.05
CA LYS A 423 4.51 19.98 29.99
C LYS A 423 4.68 21.47 30.28
N SER A 424 5.76 22.04 29.77
CA SER A 424 6.09 23.44 30.02
C SER A 424 6.38 24.16 28.71
N GLN A 425 6.09 25.46 28.69
CA GLN A 425 6.34 26.29 27.53
C GLN A 425 6.58 27.71 27.99
N VAL A 426 7.52 28.39 27.33
CA VAL A 426 7.87 29.77 27.65
C VAL A 426 7.31 30.69 26.57
N PHE A 427 6.88 31.88 26.98
CA PHE A 427 6.31 32.86 26.07
C PHE A 427 6.82 34.25 26.43
N SER A 428 6.81 35.13 25.45
CA SER A 428 7.29 36.50 25.61
C SER A 428 6.12 37.45 25.85
N THR A 429 6.47 38.70 26.15
CA THR A 429 5.46 39.72 26.42
C THR A 429 4.77 40.15 25.13
N ALA A 430 3.65 40.85 25.28
CA ALA A 430 2.86 41.28 24.13
C ALA A 430 3.51 42.45 23.41
N ALA A 431 3.71 43.57 24.12
CA ALA A 431 4.28 44.77 23.54
C ALA A 431 5.25 45.40 24.53
N ASP A 432 6.03 46.36 24.03
CA ASP A 432 6.99 47.05 24.89
C ASP A 432 6.26 47.88 25.93
N GLY A 433 6.77 47.85 27.17
CA GLY A 433 6.17 48.57 28.26
C GLY A 433 4.96 47.91 28.88
N GLN A 434 4.59 46.71 28.43
CA GLN A 434 3.43 46.03 29.00
C GLN A 434 3.72 45.59 30.43
N THR A 435 2.72 45.74 31.29
CA THR A 435 2.84 45.36 32.69
C THR A 435 1.85 44.29 33.12
N GLN A 436 0.83 43.98 32.32
CA GLN A 436 -0.16 42.98 32.63
C GLN A 436 -0.18 41.92 31.54
N VAL A 437 -0.11 40.65 31.94
CA VAL A 437 -0.12 39.51 31.02
C VAL A 437 -1.37 38.69 31.33
N GLU A 438 -2.20 38.47 30.32
CA GLU A 438 -3.46 37.77 30.47
C GLU A 438 -3.43 36.47 29.68
N ILE A 439 -3.87 35.38 30.32
CA ILE A 439 -3.93 34.06 29.70
C ILE A 439 -5.37 33.59 29.75
N LYS A 440 -5.90 33.18 28.60
CA LYS A 440 -7.26 32.68 28.48
C LYS A 440 -7.21 31.19 28.16
N VAL A 441 -8.01 30.41 28.89
CA VAL A 441 -8.03 28.96 28.76
C VAL A 441 -9.25 28.56 27.95
N CYS A 442 -9.06 27.66 26.98
CA CYS A 442 -10.15 27.17 26.16
C CYS A 442 -9.86 25.73 25.75
N GLN A 443 -10.92 25.03 25.34
CA GLN A 443 -10.84 23.66 24.89
C GLN A 443 -11.38 23.56 23.48
N GLY A 444 -10.67 22.82 22.63
CA GLY A 444 -11.12 22.64 21.26
C GLY A 444 -9.99 22.13 20.39
N GLU A 445 -10.32 21.96 19.10
CA GLU A 445 -9.36 21.50 18.11
C GLU A 445 -9.12 22.50 16.99
N ARG A 446 -10.05 23.41 16.72
CA ARG A 446 -9.85 24.41 15.69
C ARG A 446 -8.80 25.43 16.13
N GLU A 447 -8.17 26.07 15.15
CA GLU A 447 -7.10 27.04 15.42
C GLU A 447 -7.66 28.43 15.68
N MET A 448 -8.58 28.53 16.63
CA MET A 448 -9.13 29.83 17.02
C MET A 448 -9.75 29.66 18.41
N ALA A 449 -9.26 30.42 19.39
CA ALA A 449 -9.68 30.21 20.78
C ALA A 449 -11.16 30.47 20.95
N GLY A 450 -11.68 31.56 20.36
CA GLY A 450 -13.08 31.91 20.54
C GLY A 450 -14.04 31.09 19.72
N ASP A 451 -13.55 30.39 18.69
CA ASP A 451 -14.40 29.60 17.82
C ASP A 451 -14.64 28.18 18.34
N ASN A 452 -14.04 27.83 19.48
CA ASN A 452 -14.21 26.50 20.05
C ASN A 452 -14.96 26.53 21.37
N LYS A 453 -14.46 27.27 22.36
CA LYS A 453 -15.08 27.31 23.68
C LYS A 453 -14.57 28.55 24.41
N LEU A 454 -15.07 28.75 25.63
CA LEU A 454 -14.62 29.84 26.49
C LEU A 454 -14.78 29.37 27.93
N LEU A 455 -13.70 28.90 28.54
CA LEU A 455 -13.76 28.30 29.87
C LEU A 455 -13.47 29.33 30.97
N GLY A 456 -12.30 29.96 30.92
CA GLY A 456 -11.94 30.91 31.96
C GLY A 456 -10.83 31.82 31.50
N GLN A 457 -10.46 32.75 32.38
CA GLN A 457 -9.42 33.73 32.08
C GLN A 457 -8.78 34.17 33.38
N PHE A 458 -7.44 34.11 33.44
CA PHE A 458 -6.68 34.62 34.57
C PHE A 458 -5.55 35.51 34.05
N THR A 459 -5.26 36.55 34.82
CA THR A 459 -4.29 37.57 34.43
C THR A 459 -3.10 37.55 35.38
N LEU A 460 -1.91 37.52 34.80
CA LEU A 460 -0.67 37.60 35.58
C LEU A 460 -0.28 39.06 35.70
N ILE A 461 -0.20 39.56 36.93
CA ILE A 461 0.01 40.97 37.21
C ILE A 461 1.40 41.16 37.81
N GLY A 462 2.16 42.11 37.25
CA GLY A 462 3.45 42.47 37.79
C GLY A 462 4.63 41.91 37.03
N ILE A 463 5.23 42.74 36.17
CA ILE A 463 6.47 42.37 35.48
C ILE A 463 7.37 43.59 35.40
N PRO A 464 8.68 43.39 35.48
CA PRO A 464 9.61 44.52 35.35
C PRO A 464 9.57 45.08 33.95
N PRO A 465 9.76 46.39 33.79
CA PRO A 465 9.78 46.98 32.45
C PRO A 465 10.92 46.43 31.61
N ALA A 466 10.65 46.19 30.34
CA ALA A 466 11.62 45.65 29.40
C ALA A 466 11.14 45.79 27.97
N PRO A 467 12.04 45.86 26.99
CA PRO A 467 11.60 45.89 25.60
C PRO A 467 10.90 44.60 25.20
N ARG A 468 9.98 44.71 24.24
CA ARG A 468 9.19 43.56 23.82
C ARG A 468 10.08 42.44 23.30
N GLY A 469 9.79 41.21 23.73
CA GLY A 469 10.54 40.04 23.35
C GLY A 469 11.58 39.60 24.35
N VAL A 470 11.99 40.49 25.25
CA VAL A 470 12.97 40.17 26.29
C VAL A 470 12.33 39.42 27.45
N PRO A 471 11.20 39.87 28.01
CA PRO A 471 10.60 39.13 29.13
C PRO A 471 10.19 37.73 28.71
N GLN A 472 10.37 36.78 29.63
CA GLN A 472 10.02 35.39 29.41
C GLN A 472 9.07 34.92 30.51
N ILE A 473 7.94 34.34 30.10
CA ILE A 473 6.96 33.79 31.04
C ILE A 473 6.80 32.31 30.71
N GLU A 474 7.03 31.47 31.71
CA GLU A 474 6.97 30.02 31.52
C GLU A 474 5.59 29.51 31.92
N VAL A 475 4.90 28.87 31.00
CA VAL A 475 3.58 28.30 31.24
C VAL A 475 3.74 26.80 31.46
N THR A 476 3.40 26.34 32.66
CA THR A 476 3.52 24.93 33.03
C THR A 476 2.14 24.39 33.39
N PHE A 477 1.78 23.25 32.82
CA PHE A 477 0.51 22.59 33.09
C PHE A 477 0.75 21.40 34.00
N ASP A 478 0.02 21.35 35.12
CA ASP A 478 0.24 20.31 36.12
C ASP A 478 -1.02 19.48 36.33
N ILE A 479 -1.67 19.08 35.23
CA ILE A 479 -2.81 18.18 35.32
C ILE A 479 -2.37 16.88 36.01
N ASP A 480 -3.07 16.52 37.07
CA ASP A 480 -2.69 15.38 37.90
C ASP A 480 -3.91 14.52 38.21
N ALA A 481 -3.64 13.32 38.70
CA ALA A 481 -4.68 12.33 39.06
C ALA A 481 -5.50 12.06 37.80
N ASN A 482 -6.83 12.07 37.87
CA ASN A 482 -7.69 11.82 36.71
C ASN A 482 -8.80 12.86 36.71
N GLY A 483 -8.78 13.76 35.74
CA GLY A 483 -9.79 14.78 35.59
C GLY A 483 -9.51 16.08 36.32
N ILE A 484 -8.47 16.14 37.14
CA ILE A 484 -8.12 17.36 37.86
C ILE A 484 -7.09 18.12 37.02
N VAL A 485 -7.42 19.35 36.65
CA VAL A 485 -6.59 20.15 35.75
C VAL A 485 -5.98 21.30 36.54
N HIS A 486 -4.66 21.43 36.46
CA HIS A 486 -3.94 22.53 37.09
C HIS A 486 -3.29 23.37 36.00
N VAL A 487 -3.78 24.60 35.83
CA VAL A 487 -3.25 25.54 34.84
C VAL A 487 -2.66 26.72 35.59
N SER A 488 -1.35 26.92 35.43
CA SER A 488 -0.65 28.01 36.10
C SER A 488 0.42 28.56 35.17
N ALA A 489 0.78 29.82 35.39
CA ALA A 489 1.82 30.50 34.63
C ALA A 489 2.88 31.01 35.58
N LYS A 490 4.14 30.76 35.25
CA LYS A 490 5.28 31.13 36.08
C LYS A 490 6.13 32.16 35.35
N ASP A 491 6.48 33.24 36.05
CA ASP A 491 7.33 34.29 35.51
C ASP A 491 8.49 34.54 36.46
N LYS A 492 9.65 34.83 35.88
CA LYS A 492 10.87 35.04 36.65
C LYS A 492 11.07 36.49 37.08
N GLY A 493 10.19 37.40 36.66
CA GLY A 493 10.33 38.79 37.02
C GLY A 493 9.89 39.10 38.43
N THR A 494 8.61 38.89 38.72
CA THR A 494 8.04 39.12 40.04
C THR A 494 7.33 37.86 40.52
N GLY A 495 7.35 37.67 41.84
CA GLY A 495 6.71 36.51 42.44
C GLY A 495 5.23 36.67 42.66
N ARG A 496 4.49 36.99 41.60
CA ARG A 496 3.05 37.17 41.67
C ARG A 496 2.42 36.42 40.50
N GLU A 497 1.78 35.30 40.79
CA GLU A 497 1.13 34.47 39.79
C GLU A 497 -0.38 34.44 40.04
N GLN A 498 -1.09 33.75 39.16
CA GLN A 498 -2.54 33.61 39.27
C GLN A 498 -2.93 32.17 38.99
N GLN A 499 -4.06 31.77 39.57
CA GLN A 499 -4.57 30.41 39.44
C GLN A 499 -5.94 30.43 38.77
N ILE A 500 -6.32 29.27 38.24
CA ILE A 500 -7.61 29.11 37.57
C ILE A 500 -8.05 27.66 37.76
N VAL A 501 -9.36 27.45 37.78
CA VAL A 501 -9.90 26.13 38.14
C VAL A 501 -9.88 25.20 36.93
N ILE A 502 -10.64 25.53 35.89
CA ILE A 502 -10.82 24.70 34.69
C ILE A 502 -10.81 23.22 35.03
N GLN A 503 -11.62 22.83 36.02
CA GLN A 503 -11.67 21.43 36.42
C GLN A 503 -12.66 20.61 35.60
N SER A 504 -13.75 21.22 35.16
CA SER A 504 -14.73 20.56 34.30
C SER A 504 -14.87 21.36 33.02
N SER A 505 -14.71 20.68 31.88
CA SER A 505 -14.78 21.32 30.58
C SER A 505 -15.50 20.42 29.60
N GLY A 506 -16.07 21.03 28.56
CA GLY A 506 -16.78 20.27 27.56
C GLY A 506 -18.03 19.58 28.08
N GLY A 507 -18.77 20.23 28.97
CA GLY A 507 -19.99 19.65 29.48
C GLY A 507 -21.07 19.49 28.42
N LEU A 508 -21.18 20.49 27.53
CA LEU A 508 -22.17 20.46 26.45
C LEU A 508 -21.62 19.65 25.28
N SER A 509 -21.54 18.34 25.50
CA SER A 509 -21.06 17.41 24.47
C SER A 509 -22.19 17.15 23.49
N LYS A 510 -22.16 17.85 22.35
CA LYS A 510 -23.22 17.74 21.36
C LYS A 510 -22.59 17.96 19.99
N ASP A 511 -23.44 18.24 18.99
CA ASP A 511 -23.00 18.44 17.62
C ASP A 511 -22.37 19.82 17.38
N ASP A 512 -22.02 20.55 18.44
CA ASP A 512 -21.42 21.87 18.26
C ASP A 512 -20.07 21.77 17.54
N ILE A 513 -19.29 20.73 17.84
CA ILE A 513 -18.03 20.52 17.12
C ILE A 513 -18.31 20.22 15.65
N GLU A 514 -19.32 19.40 15.39
CA GLU A 514 -19.73 19.10 14.01
C GLU A 514 -20.47 20.27 13.39
N THR B 1 3.41 -15.05 55.20
CA THR B 1 3.00 -14.73 53.84
C THR B 1 3.48 -13.34 53.43
N LEU B 2 3.71 -12.48 54.43
CA LEU B 2 4.16 -11.13 54.16
C LEU B 2 5.54 -11.12 53.50
N LEU B 3 6.44 -11.99 53.95
CA LEU B 3 7.78 -12.02 53.40
C LEU B 3 7.78 -12.44 51.93
N GLU B 4 7.02 -13.49 51.60
CA GLU B 4 6.96 -13.92 50.20
C GLU B 4 6.20 -12.91 49.35
N GLU B 5 5.19 -12.25 49.92
CA GLU B 5 4.50 -11.19 49.17
C GLU B 5 5.46 -10.05 48.85
N LYS B 6 6.31 -9.66 49.81
CA LYS B 6 7.28 -8.60 49.55
C LYS B 6 8.34 -9.03 48.56
N VAL B 7 8.75 -10.31 48.61
CA VAL B 7 9.70 -10.82 47.63
C VAL B 7 9.10 -10.76 46.23
N LYS B 8 7.83 -11.17 46.09
CA LYS B 8 7.16 -11.07 44.81
C LYS B 8 7.03 -9.62 44.35
N LEU B 9 6.76 -8.71 45.30
CA LEU B 9 6.68 -7.30 44.96
C LEU B 9 8.01 -6.77 44.44
N GLU B 10 9.12 -7.17 45.08
CA GLU B 10 10.44 -6.74 44.61
C GLU B 10 10.76 -7.32 43.24
N GLU B 11 10.39 -8.59 43.01
CA GLU B 11 10.58 -9.18 41.68
C GLU B 11 9.76 -8.44 40.63
N GLN B 12 8.53 -8.06 40.97
CA GLN B 12 7.71 -7.27 40.07
C GLN B 12 8.33 -5.91 39.80
N LEU B 13 8.94 -5.31 40.83
CA LEU B 13 9.62 -4.03 40.65
C LEU B 13 10.80 -4.18 39.67
N LYS B 14 11.57 -5.25 39.81
CA LYS B 14 12.66 -5.49 38.87
C LYS B 14 12.13 -5.69 37.46
N GLU B 15 11.05 -6.47 37.32
CA GLU B 15 10.48 -6.72 36.01
C GLU B 15 9.97 -5.43 35.36
N THR B 16 9.30 -4.57 36.14
CA THR B 16 8.77 -3.34 35.58
C THR B 16 9.87 -2.34 35.28
N VAL B 17 10.98 -2.37 36.04
CA VAL B 17 12.12 -1.53 35.68
C VAL B 17 12.72 -1.99 34.35
N GLU B 18 12.89 -3.30 34.19
CA GLU B 18 13.38 -3.81 32.91
C GLU B 18 12.44 -3.46 31.76
N LYS B 19 11.13 -3.55 32.02
CA LYS B 19 10.15 -3.21 30.99
C LYS B 19 10.18 -1.72 30.66
N TYR B 20 10.42 -0.87 31.66
CA TYR B 20 10.56 0.56 31.41
C TYR B 20 11.79 0.84 30.54
N LYS B 21 12.90 0.16 30.83
CA LYS B 21 14.07 0.31 29.97
C LYS B 21 13.78 -0.16 28.55
N ARG B 22 13.04 -1.27 28.42
CA ARG B 22 12.66 -1.75 27.10
C ARG B 22 11.79 -0.74 26.36
N ALA B 23 10.89 -0.07 27.08
CA ALA B 23 10.04 0.94 26.46
C ALA B 23 10.86 2.14 25.99
N LEU B 24 11.85 2.55 26.78
CA LEU B 24 12.74 3.63 26.33
C LEU B 24 13.52 3.23 25.08
N ALA B 25 14.04 2.00 25.05
CA ALA B 25 14.72 1.52 23.85
C ALA B 25 13.77 1.50 22.66
N ASP B 26 12.51 1.11 22.89
CA ASP B 26 11.54 1.03 21.81
C ASP B 26 11.19 2.41 21.26
N THR B 27 11.07 3.42 22.13
CA THR B 27 10.77 4.75 21.60
C THR B 27 11.98 5.34 20.86
N GLU B 28 13.20 5.03 21.30
CA GLU B 28 14.37 5.44 20.52
C GLU B 28 14.37 4.78 19.14
N ASN B 29 14.07 3.47 19.11
CA ASN B 29 13.98 2.76 17.84
C ASN B 29 12.91 3.37 16.95
N LEU B 30 11.77 3.74 17.54
CA LEU B 30 10.70 4.36 16.77
C LEU B 30 11.14 5.70 16.19
N ARG B 31 11.89 6.49 16.97
CA ARG B 31 12.41 7.75 16.45
C ARG B 31 13.28 7.52 15.22
N GLN B 32 14.22 6.58 15.32
CA GLN B 32 15.11 6.33 14.19
C GLN B 32 14.35 5.81 12.97
N ARG B 33 13.42 4.86 13.19
CA ARG B 33 12.66 4.30 12.09
C ARG B 33 11.75 5.33 11.46
N SER B 34 11.18 6.23 12.26
CA SER B 34 10.36 7.30 11.73
C SER B 34 11.17 8.25 10.86
N GLN B 35 12.39 8.57 11.28
CA GLN B 35 13.26 9.40 10.43
C GLN B 35 13.51 8.71 9.10
N LYS B 36 13.83 7.41 9.14
CA LYS B 36 14.09 6.69 7.89
C LYS B 36 12.86 6.67 6.99
N LEU B 37 11.69 6.41 7.57
CA LEU B 37 10.46 6.36 6.78
C LEU B 37 10.13 7.71 6.17
N VAL B 38 10.33 8.79 6.92
CA VAL B 38 10.07 10.12 6.37
C VAL B 38 11.01 10.42 5.22
N GLU B 39 12.29 10.06 5.35
CA GLU B 39 13.21 10.29 4.24
C GLU B 39 12.80 9.49 3.01
N GLU B 40 12.44 8.21 3.20
CA GLU B 40 12.05 7.40 2.06
C GLU B 40 10.79 7.95 1.39
N ALA B 41 9.79 8.33 2.18
CA ALA B 41 8.57 8.91 1.61
C ALA B 41 8.83 10.27 0.97
N LYS B 42 9.91 10.95 1.37
CA LYS B 42 10.30 12.15 0.65
C LYS B 42 10.86 11.80 -0.72
N LEU B 43 11.78 10.83 -0.78
CA LEU B 43 12.34 10.42 -2.06
C LEU B 43 11.29 9.82 -2.98
N TYR B 44 10.73 8.68 -2.58
CA TYR B 44 9.69 7.99 -3.31
C TYR B 44 8.34 8.59 -2.92
N GLY B 45 7.25 7.89 -3.24
CA GLY B 45 5.91 8.42 -3.06
C GLY B 45 5.26 8.86 -4.35
N ILE B 46 6.03 8.99 -5.41
CA ILE B 46 5.50 9.12 -6.76
C ILE B 46 5.56 7.78 -7.50
N GLN B 47 5.68 6.67 -6.77
CA GLN B 47 5.89 5.37 -7.40
C GLN B 47 4.68 4.94 -8.22
N ALA B 48 3.48 5.05 -7.64
CA ALA B 48 2.28 4.65 -8.36
C ALA B 48 2.01 5.57 -9.55
N PHE B 49 2.18 6.87 -9.36
CA PHE B 49 1.95 7.83 -10.44
C PHE B 49 2.86 7.54 -11.62
N CYS B 50 4.16 7.37 -11.37
CA CYS B 50 5.10 7.08 -12.44
C CYS B 50 4.80 5.74 -13.08
N LYS B 51 4.52 4.72 -12.27
CA LYS B 51 4.21 3.40 -12.82
C LYS B 51 2.96 3.43 -13.68
N ASP B 52 2.08 4.39 -13.47
CA ASP B 52 0.92 4.53 -14.34
C ASP B 52 1.26 5.31 -15.61
N LEU B 53 2.05 6.39 -15.49
CA LEU B 53 2.35 7.23 -16.65
C LEU B 53 3.40 6.63 -17.58
N LEU B 54 4.07 5.55 -17.17
CA LEU B 54 5.02 4.90 -18.07
C LEU B 54 4.36 4.52 -19.39
N GLU B 55 3.11 4.07 -19.34
CA GLU B 55 2.43 3.66 -20.57
C GLU B 55 2.08 4.85 -21.45
N VAL B 56 1.73 5.99 -20.84
CA VAL B 56 1.49 7.20 -21.63
C VAL B 56 2.78 7.61 -22.35
N ALA B 57 3.91 7.56 -21.64
CA ALA B 57 5.18 7.89 -22.28
C ALA B 57 5.49 6.92 -23.42
N ASP B 58 5.25 5.63 -23.21
CA ASP B 58 5.48 4.64 -24.26
C ASP B 58 4.59 4.90 -25.48
N VAL B 59 3.33 5.25 -25.24
CA VAL B 59 2.41 5.53 -26.34
C VAL B 59 2.89 6.73 -27.13
N LEU B 60 3.31 7.79 -26.44
CA LEU B 60 3.81 8.98 -27.14
C LEU B 60 5.05 8.66 -27.96
N GLU B 61 5.96 7.85 -27.41
CA GLU B 61 7.14 7.45 -28.18
C GLU B 61 6.75 6.66 -29.42
N LYS B 62 5.80 5.73 -29.28
CA LYS B 62 5.35 4.96 -30.43
C LYS B 62 4.71 5.84 -31.47
N ALA B 63 3.96 6.87 -31.03
CA ALA B 63 3.35 7.81 -31.97
C ALA B 63 4.42 8.58 -32.73
N THR B 64 5.49 8.99 -32.05
CA THR B 64 6.59 9.67 -32.74
C THR B 64 7.27 8.73 -33.74
N GLN B 65 7.35 7.44 -33.42
CA GLN B 65 8.04 6.49 -34.28
C GLN B 65 7.16 5.89 -35.37
N CYS B 66 5.85 6.13 -35.36
CA CYS B 66 4.96 5.44 -36.29
C CYS B 66 4.66 6.23 -37.56
N VAL B 67 4.72 7.56 -37.51
CA VAL B 67 4.49 8.37 -38.71
C VAL B 67 5.59 8.08 -39.73
N PRO B 68 5.26 7.84 -41.01
CA PRO B 68 6.28 7.33 -41.94
C PRO B 68 7.36 8.33 -42.32
N LYS B 69 7.34 9.55 -41.78
CA LYS B 69 8.36 10.56 -42.01
C LYS B 69 8.49 10.94 -43.49
N GLU B 70 7.43 10.77 -44.26
CA GLU B 70 7.42 11.14 -45.67
C GLU B 70 6.28 12.07 -46.05
N GLU B 71 5.17 12.04 -45.33
CA GLU B 71 4.00 12.84 -45.65
C GLU B 71 3.93 14.14 -44.87
N ILE B 72 4.98 14.46 -44.11
CA ILE B 72 5.04 15.72 -43.37
C ILE B 72 5.64 16.74 -44.33
N LYS B 73 4.79 17.34 -45.16
CA LYS B 73 5.21 18.31 -46.15
C LYS B 73 4.20 19.47 -46.14
N ASP B 74 4.31 20.35 -47.14
CA ASP B 74 3.32 21.40 -47.32
C ASP B 74 2.06 20.89 -48.01
N ASP B 75 2.09 19.70 -48.59
CA ASP B 75 0.88 19.07 -49.10
C ASP B 75 -0.06 18.68 -47.98
N ASN B 76 0.46 18.45 -46.77
CA ASN B 76 -0.33 18.09 -45.60
C ASN B 76 0.01 19.05 -44.47
N PRO B 77 -0.41 20.32 -44.60
CA PRO B 77 -0.01 21.32 -43.60
C PRO B 77 -0.52 21.03 -42.20
N HIS B 78 -1.71 20.45 -42.06
CA HIS B 78 -2.25 20.19 -40.73
C HIS B 78 -1.59 18.98 -40.07
N LEU B 79 -1.14 18.01 -40.86
CA LEU B 79 -0.42 16.87 -40.28
C LEU B 79 0.91 17.30 -39.70
N LYS B 80 1.59 18.26 -40.33
CA LYS B 80 2.88 18.72 -39.82
C LYS B 80 2.73 19.34 -38.43
N ASN B 81 1.71 20.18 -38.25
CA ASN B 81 1.52 20.83 -36.96
C ASN B 81 1.19 19.81 -35.86
N LEU B 82 0.39 18.80 -36.20
CA LEU B 82 0.09 17.75 -35.23
C LEU B 82 1.34 16.98 -34.84
N TYR B 83 2.21 16.67 -35.82
CA TYR B 83 3.45 15.97 -35.49
C TYR B 83 4.35 16.83 -34.62
N GLU B 84 4.43 18.13 -34.91
CA GLU B 84 5.25 19.01 -34.07
C GLU B 84 4.71 19.07 -32.65
N GLY B 85 3.38 19.14 -32.50
CA GLY B 85 2.80 19.13 -31.17
C GLY B 85 3.09 17.84 -30.42
N LEU B 86 2.98 16.70 -31.12
CA LEU B 86 3.29 15.42 -30.49
C LEU B 86 4.75 15.36 -30.05
N VAL B 87 5.66 15.84 -30.89
CA VAL B 87 7.08 15.81 -30.54
C VAL B 87 7.35 16.71 -29.34
N MET B 88 6.75 17.90 -29.33
CA MET B 88 6.94 18.81 -28.20
C MET B 88 6.41 18.20 -26.90
N THR B 89 5.24 17.55 -26.98
CA THR B 89 4.68 16.90 -25.78
C THR B 89 5.58 15.77 -25.30
N GLU B 90 6.11 14.96 -26.23
CA GLU B 90 7.01 13.88 -25.83
C GLU B 90 8.26 14.43 -25.15
N VAL B 91 8.85 15.48 -25.72
CA VAL B 91 10.05 16.07 -25.13
C VAL B 91 9.73 16.64 -23.75
N GLN B 92 8.57 17.29 -23.60
CA GLN B 92 8.21 17.85 -22.30
C GLN B 92 8.00 16.77 -21.26
N ILE B 93 7.37 15.66 -21.63
CA ILE B 93 7.15 14.59 -20.65
C ILE B 93 8.46 13.93 -20.27
N GLN B 94 9.38 13.79 -21.22
CA GLN B 94 10.69 13.23 -20.87
C GLN B 94 11.50 14.21 -20.03
N LYS B 95 11.26 15.51 -20.18
CA LYS B 95 11.92 16.49 -19.32
C LYS B 95 11.34 16.47 -17.91
N VAL B 96 10.03 16.25 -17.79
CA VAL B 96 9.42 16.14 -16.46
C VAL B 96 9.88 14.86 -15.76
N PHE B 97 9.99 13.76 -16.52
CA PHE B 97 10.44 12.51 -15.93
C PHE B 97 11.86 12.64 -15.36
N THR B 98 12.76 13.24 -16.12
CA THR B 98 14.16 13.33 -15.71
C THR B 98 14.33 14.19 -14.47
N LYS B 99 13.48 15.21 -14.31
CA LYS B 99 13.59 16.08 -13.13
C LYS B 99 13.35 15.29 -11.85
N HIS B 100 12.39 14.37 -11.86
CA HIS B 100 12.00 13.62 -10.67
C HIS B 100 12.67 12.25 -10.59
N GLY B 101 13.89 12.13 -11.11
CA GLY B 101 14.67 10.93 -10.91
C GLY B 101 14.39 9.78 -11.85
N LEU B 102 13.43 9.92 -12.77
CA LEU B 102 13.12 8.83 -13.68
C LEU B 102 14.21 8.72 -14.74
N LEU B 103 14.91 7.59 -14.76
CA LEU B 103 16.00 7.34 -15.69
C LEU B 103 15.67 6.10 -16.51
N LYS B 104 15.39 6.29 -17.80
CA LYS B 104 15.08 5.18 -18.66
C LYS B 104 16.24 4.21 -18.73
N LEU B 105 15.94 2.92 -18.59
CA LEU B 105 16.94 1.86 -18.72
C LEU B 105 17.01 1.45 -20.19
N ASN B 106 18.11 1.77 -20.85
CA ASN B 106 18.33 1.38 -22.25
C ASN B 106 19.71 0.71 -22.37
N PRO B 107 19.85 -0.50 -21.82
CA PRO B 107 21.11 -1.23 -21.99
C PRO B 107 21.23 -1.82 -23.38
N VAL B 108 21.70 -1.04 -24.35
CA VAL B 108 21.80 -1.54 -25.71
C VAL B 108 22.83 -2.66 -25.79
N GLY B 109 23.97 -2.50 -25.13
CA GLY B 109 25.01 -3.51 -25.17
C GLY B 109 25.63 -3.78 -23.82
N ALA B 110 24.93 -3.46 -22.75
CA ALA B 110 25.44 -3.63 -21.40
C ALA B 110 25.38 -5.11 -21.01
N LYS B 111 25.66 -5.39 -19.74
CA LYS B 111 25.65 -6.75 -19.23
C LYS B 111 24.33 -7.03 -18.52
N PHE B 112 23.80 -8.23 -18.74
CA PHE B 112 22.54 -8.61 -18.12
C PHE B 112 22.68 -8.69 -16.61
N ASP B 113 21.68 -8.18 -15.90
CA ASP B 113 21.63 -8.24 -14.45
C ASP B 113 20.17 -8.30 -14.02
N PRO B 114 19.74 -9.39 -13.35
CA PRO B 114 18.30 -9.59 -13.12
C PRO B 114 17.65 -8.53 -12.26
N ALA B 115 18.42 -7.77 -11.48
CA ALA B 115 17.83 -6.79 -10.59
C ALA B 115 17.14 -5.65 -11.33
N GLU B 116 17.50 -5.43 -12.60
CA GLU B 116 16.92 -4.33 -13.38
C GLU B 116 16.33 -4.75 -14.73
N HIS B 117 16.79 -5.85 -15.32
CA HIS B 117 16.36 -6.25 -16.65
C HIS B 117 15.54 -7.54 -16.57
N GLU B 118 14.42 -7.58 -17.28
CA GLU B 118 13.60 -8.77 -17.39
C GLU B 118 13.88 -9.45 -18.73
N ALA B 119 14.40 -10.67 -18.68
CA ALA B 119 14.70 -11.39 -19.91
C ALA B 119 13.41 -11.78 -20.63
N LEU B 120 13.42 -11.65 -21.96
CA LEU B 120 12.30 -12.07 -22.78
C LEU B 120 12.60 -13.27 -23.65
N PHE B 121 13.84 -13.41 -24.12
CA PHE B 121 14.26 -14.62 -24.83
C PHE B 121 15.76 -14.77 -24.69
N HIS B 122 16.25 -15.97 -24.97
CA HIS B 122 17.65 -16.33 -24.83
C HIS B 122 18.26 -16.65 -26.19
N THR B 123 17.96 -15.84 -27.19
CA THR B 123 18.45 -16.10 -28.54
C THR B 123 19.95 -15.88 -28.60
N PRO B 124 20.71 -16.86 -29.08
CA PRO B 124 22.17 -16.65 -29.24
C PRO B 124 22.46 -15.67 -30.37
N VAL B 125 23.45 -14.83 -30.16
CA VAL B 125 23.87 -13.84 -31.14
C VAL B 125 25.36 -14.01 -31.38
N GLU B 126 25.73 -14.28 -32.63
CA GLU B 126 27.13 -14.43 -33.00
C GLU B 126 27.82 -13.06 -33.02
N GLY B 127 29.09 -13.06 -32.62
CA GLY B 127 29.86 -11.83 -32.57
C GLY B 127 29.64 -10.99 -31.33
N LYS B 128 28.83 -11.44 -30.39
CA LYS B 128 28.55 -10.71 -29.15
C LYS B 128 28.96 -11.56 -27.96
N GLU B 129 29.54 -10.90 -26.96
CA GLU B 129 30.02 -11.60 -25.79
C GLU B 129 28.86 -12.25 -25.03
N PRO B 130 29.00 -13.50 -24.61
CA PRO B 130 27.94 -14.13 -23.83
C PRO B 130 27.65 -13.37 -22.54
N GLY B 131 26.38 -13.34 -22.14
CA GLY B 131 25.96 -12.65 -20.95
C GLY B 131 25.52 -11.21 -21.17
N THR B 132 25.72 -10.66 -22.37
CA THR B 132 25.28 -9.31 -22.67
C THR B 132 23.86 -9.32 -23.24
N VAL B 133 23.25 -8.15 -23.27
CA VAL B 133 21.89 -7.98 -23.74
C VAL B 133 21.92 -7.62 -25.22
N ALA B 134 21.32 -8.48 -26.05
CA ALA B 134 21.39 -8.29 -27.49
C ALA B 134 20.60 -7.07 -27.93
N LEU B 135 19.36 -6.93 -27.44
CA LEU B 135 18.51 -5.83 -27.83
C LEU B 135 17.54 -5.52 -26.72
N VAL B 136 17.02 -4.30 -26.73
CA VAL B 136 16.06 -3.83 -25.74
C VAL B 136 14.70 -3.72 -26.42
N SER B 137 13.81 -4.67 -26.13
CA SER B 137 12.47 -4.61 -26.70
C SER B 137 11.71 -3.40 -26.18
N LYS B 138 11.82 -3.12 -24.88
CA LYS B 138 11.16 -1.97 -24.28
C LYS B 138 12.09 -1.36 -23.24
N VAL B 139 12.24 -0.05 -23.28
CA VAL B 139 13.12 0.65 -22.34
C VAL B 139 12.42 0.71 -20.98
N GLY B 140 13.02 0.08 -19.98
CA GLY B 140 12.48 0.13 -18.64
C GLY B 140 12.80 1.45 -17.96
N TYR B 141 12.21 1.63 -16.79
CA TYR B 141 12.39 2.85 -16.02
C TYR B 141 12.83 2.51 -14.60
N LYS B 142 13.44 3.48 -13.95
CA LYS B 142 13.80 3.34 -12.54
C LYS B 142 13.98 4.74 -11.96
N LEU B 143 13.58 4.91 -10.70
CA LEU B 143 13.75 6.18 -10.01
C LEU B 143 14.52 5.93 -8.71
N HIS B 144 15.59 6.70 -8.51
CA HIS B 144 16.37 6.66 -7.27
C HIS B 144 16.82 5.25 -6.93
N GLY B 145 17.21 4.49 -7.95
CA GLY B 145 17.69 3.15 -7.75
C GLY B 145 16.61 2.09 -7.60
N ARG B 146 15.34 2.47 -7.62
CA ARG B 146 14.23 1.53 -7.51
C ARG B 146 13.67 1.28 -8.90
N THR B 147 13.83 0.05 -9.38
CA THR B 147 13.41 -0.31 -10.74
C THR B 147 11.89 -0.39 -10.79
N LEU B 148 11.26 0.65 -11.35
CA LEU B 148 9.81 0.64 -11.51
C LEU B 148 9.38 -0.42 -12.51
N ARG B 149 9.91 -0.35 -13.73
CA ARG B 149 9.61 -1.33 -14.76
C ARG B 149 10.93 -1.81 -15.35
N PRO B 150 11.15 -3.12 -15.43
CA PRO B 150 12.40 -3.61 -16.02
C PRO B 150 12.43 -3.37 -17.53
N ALA B 151 13.64 -3.28 -18.05
CA ALA B 151 13.83 -3.21 -19.50
C ALA B 151 13.76 -4.62 -20.07
N LEU B 152 12.78 -4.86 -20.94
CA LEU B 152 12.58 -6.18 -21.52
C LEU B 152 13.66 -6.43 -22.57
N VAL B 153 14.67 -7.19 -22.19
CA VAL B 153 15.82 -7.42 -23.05
C VAL B 153 15.78 -8.84 -23.60
N GLY B 154 16.65 -9.11 -24.56
CA GLY B 154 16.90 -10.47 -25.01
C GLY B 154 18.36 -10.84 -24.81
N VAL B 155 18.62 -11.75 -23.89
CA VAL B 155 19.99 -12.07 -23.50
C VAL B 155 20.59 -13.04 -24.50
N VAL B 156 21.84 -12.79 -24.89
CA VAL B 156 22.52 -13.70 -25.80
C VAL B 156 22.85 -15.01 -25.07
N LYS B 157 23.02 -16.07 -25.87
CA LYS B 157 23.27 -17.40 -25.34
C LYS B 157 24.53 -17.96 -25.97
N GLU B 158 25.28 -18.73 -25.18
CA GLU B 158 26.49 -19.36 -25.70
C GLU B 158 26.15 -20.35 -26.82
N ALA B 159 26.99 -20.36 -27.85
CA ALA B 159 26.71 -21.19 -29.02
C ALA B 159 26.78 -22.66 -28.69
N SER B 160 25.84 -23.43 -29.23
CA SER B 160 25.83 -24.88 -29.01
C SER B 160 27.06 -25.55 -29.63
N ALA B 161 27.44 -25.10 -30.83
CA ALA B 161 28.58 -25.65 -31.56
C ALA B 161 28.46 -27.17 -31.75
N THR C 1 11.21 -0.01 60.33
CA THR C 1 12.10 -0.84 59.54
C THR C 1 11.33 -1.63 58.49
N LEU C 2 10.82 -2.79 58.88
CA LEU C 2 10.06 -3.62 57.95
C LEU C 2 8.74 -2.98 57.57
N LEU C 3 8.09 -2.30 58.53
CA LEU C 3 6.85 -1.61 58.22
C LEU C 3 7.09 -0.48 57.21
N GLU C 4 8.18 0.26 57.37
CA GLU C 4 8.52 1.29 56.39
C GLU C 4 8.91 0.68 55.05
N GLU C 5 9.40 -0.56 55.06
CA GLU C 5 9.78 -1.21 53.81
C GLU C 5 8.58 -1.40 52.90
N LYS C 6 7.43 -1.79 53.46
CA LYS C 6 6.23 -1.95 52.64
C LYS C 6 5.81 -0.62 52.03
N VAL C 7 5.87 0.47 52.81
CA VAL C 7 5.49 1.78 52.30
C VAL C 7 6.42 2.22 51.18
N LYS C 8 7.73 2.04 51.38
CA LYS C 8 8.68 2.44 50.35
C LYS C 8 8.53 1.57 49.10
N LEU C 9 8.25 0.28 49.27
CA LEU C 9 8.02 -0.59 48.12
C LEU C 9 6.79 -0.18 47.34
N GLU C 10 5.70 0.15 48.05
CA GLU C 10 4.49 0.60 47.37
C GLU C 10 4.75 1.91 46.62
N GLU C 11 5.46 2.85 47.25
CA GLU C 11 5.77 4.11 46.58
C GLU C 11 6.62 3.88 45.35
N GLN C 12 7.65 3.03 45.46
CA GLN C 12 8.53 2.75 44.33
C GLN C 12 7.77 2.07 43.21
N LEU C 13 6.90 1.12 43.56
CA LEU C 13 6.10 0.45 42.54
C LEU C 13 5.18 1.43 41.82
N LYS C 14 4.53 2.32 42.58
CA LYS C 14 3.64 3.30 41.95
C LYS C 14 4.42 4.23 41.03
N GLU C 15 5.57 4.73 41.48
CA GLU C 15 6.38 5.60 40.63
C GLU C 15 6.86 4.87 39.38
N THR C 16 7.28 3.62 39.53
CA THR C 16 7.78 2.87 38.37
C THR C 16 6.68 2.59 37.37
N VAL C 17 5.50 2.20 37.85
CA VAL C 17 4.41 1.90 36.92
C VAL C 17 3.92 3.19 36.24
N GLU C 18 3.89 4.30 36.97
CA GLU C 18 3.48 5.55 36.32
C GLU C 18 4.52 6.00 35.28
N LYS C 19 5.81 5.83 35.58
CA LYS C 19 6.83 6.18 34.60
C LYS C 19 6.76 5.25 33.40
N TYR C 20 6.47 3.96 33.62
CA TYR C 20 6.25 3.04 32.51
C TYR C 20 5.06 3.47 31.65
N LYS C 21 3.97 3.88 32.29
CA LYS C 21 2.80 4.31 31.54
C LYS C 21 3.11 5.55 30.72
N ARG C 22 3.89 6.48 31.29
CA ARG C 22 4.25 7.68 30.54
C ARG C 22 5.20 7.35 29.39
N ALA C 23 6.12 6.40 29.60
CA ALA C 23 7.01 5.98 28.52
C ALA C 23 6.23 5.32 27.40
N LEU C 24 5.23 4.51 27.75
CA LEU C 24 4.39 3.87 26.74
C LEU C 24 3.50 4.88 26.03
N ALA C 25 3.09 5.94 26.73
CA ALA C 25 2.27 6.98 26.11
C ALA C 25 3.08 7.83 25.14
N ASP C 26 4.38 7.99 25.39
CA ASP C 26 5.22 8.73 24.45
C ASP C 26 5.36 8.00 23.12
N THR C 27 5.43 6.66 23.17
CA THR C 27 5.55 5.89 21.93
C THR C 27 4.36 6.10 21.02
N GLU C 28 3.15 6.11 21.58
CA GLU C 28 1.95 6.24 20.76
C GLU C 28 1.87 7.61 20.10
N ASN C 29 2.13 8.67 20.87
CA ASN C 29 2.10 10.01 20.31
C ASN C 29 3.18 10.20 19.26
N LEU C 30 4.38 9.66 19.52
CA LEU C 30 5.45 9.73 18.54
C LEU C 30 5.08 8.97 17.27
N ARG C 31 4.41 7.82 17.42
CA ARG C 31 3.96 7.06 16.26
C ARG C 31 2.96 7.84 15.43
N GLN C 32 2.01 8.50 16.09
CA GLN C 32 1.03 9.29 15.35
C GLN C 32 1.68 10.47 14.65
N ARG C 33 2.66 11.11 15.30
CA ARG C 33 3.38 12.21 14.67
C ARG C 33 4.17 11.71 13.46
N SER C 34 4.78 10.52 13.58
CA SER C 34 5.51 9.95 12.46
C SER C 34 4.59 9.65 11.28
N GLN C 35 3.40 9.10 11.57
CA GLN C 35 2.46 8.83 10.50
C GLN C 35 2.02 10.12 9.81
N LYS C 36 1.76 11.17 10.59
CA LYS C 36 1.40 12.45 10.00
C LYS C 36 2.54 13.00 9.13
N LEU C 37 3.78 12.90 9.61
CA LEU C 37 4.91 13.41 8.85
C LEU C 37 5.10 12.63 7.54
N VAL C 38 4.96 11.31 7.58
CA VAL C 38 5.11 10.51 6.38
C VAL C 38 4.02 10.86 5.37
N GLU C 39 2.77 11.00 5.84
CA GLU C 39 1.69 11.34 4.92
C GLU C 39 1.89 12.72 4.32
N GLU C 40 2.36 13.69 5.12
CA GLU C 40 2.61 15.02 4.58
C GLU C 40 3.73 15.00 3.54
N ALA C 41 4.78 14.21 3.78
CA ALA C 41 5.85 14.10 2.80
C ALA C 41 5.35 13.49 1.51
N LYS C 42 4.50 12.45 1.60
CA LYS C 42 3.94 11.85 0.39
C LYS C 42 3.10 12.87 -0.37
N LEU C 43 2.28 13.63 0.35
CA LEU C 43 1.45 14.65 -0.31
C LEU C 43 2.32 15.68 -1.01
N TYR C 44 3.39 16.14 -0.35
CA TYR C 44 4.27 17.12 -0.95
C TYR C 44 4.92 16.58 -2.22
N GLY C 45 5.39 15.33 -2.18
CA GLY C 45 6.00 14.76 -3.37
C GLY C 45 5.03 14.64 -4.53
N ILE C 46 3.81 14.17 -4.25
CA ILE C 46 2.83 14.02 -5.32
C ILE C 46 2.43 15.39 -5.88
N GLN C 47 2.30 16.39 -5.02
CA GLN C 47 1.98 17.73 -5.50
C GLN C 47 3.10 18.28 -6.39
N ALA C 48 4.36 18.07 -5.99
CA ALA C 48 5.47 18.53 -6.83
C ALA C 48 5.48 17.82 -8.17
N PHE C 49 5.10 16.54 -8.19
CA PHE C 49 5.00 15.83 -9.46
C PHE C 49 3.89 16.40 -10.34
N CYS C 50 2.70 16.60 -9.76
CA CYS C 50 1.55 17.04 -10.55
C CYS C 50 1.76 18.45 -11.12
N LYS C 51 2.39 19.33 -10.34
CA LYS C 51 2.55 20.70 -10.81
C LYS C 51 3.34 20.75 -12.11
N ASP C 52 4.40 19.96 -12.22
CA ASP C 52 5.15 19.87 -13.47
C ASP C 52 4.47 18.99 -14.51
N LEU C 53 3.62 18.05 -14.07
CA LEU C 53 2.96 17.16 -15.02
C LEU C 53 1.83 17.82 -15.80
N LEU C 54 1.21 18.85 -15.23
CA LEU C 54 0.06 19.49 -15.89
C LEU C 54 0.41 20.02 -17.28
N GLU C 55 1.64 20.50 -17.46
CA GLU C 55 2.00 21.15 -18.72
C GLU C 55 1.98 20.18 -19.90
N VAL C 56 2.32 18.91 -19.65
CA VAL C 56 2.28 17.92 -20.72
C VAL C 56 0.87 17.76 -21.25
N ALA C 57 -0.09 17.59 -20.35
CA ALA C 57 -1.49 17.47 -20.76
C ALA C 57 -1.97 18.72 -21.46
N ASP C 58 -1.58 19.89 -20.95
CA ASP C 58 -2.01 21.15 -21.57
C ASP C 58 -1.50 21.24 -23.01
N VAL C 59 -0.21 20.92 -23.21
CA VAL C 59 0.37 21.03 -24.55
C VAL C 59 -0.26 20.01 -25.49
N LEU C 60 -0.46 18.78 -25.02
CA LEU C 60 -1.09 17.78 -25.89
C LEU C 60 -2.51 18.17 -26.26
N GLU C 61 -3.27 18.70 -25.30
CA GLU C 61 -4.64 19.13 -25.60
C GLU C 61 -4.64 20.27 -26.60
N LYS C 62 -3.71 21.22 -26.48
CA LYS C 62 -3.64 22.29 -27.46
C LYS C 62 -3.28 21.76 -28.84
N ALA C 63 -2.32 20.85 -28.91
CA ALA C 63 -1.91 20.30 -30.19
C ALA C 63 -3.05 19.56 -30.89
N THR C 64 -3.78 18.74 -30.14
CA THR C 64 -4.89 18.00 -30.75
C THR C 64 -6.04 18.93 -31.12
N GLN C 65 -6.36 19.91 -30.27
CA GLN C 65 -7.44 20.83 -30.59
C GLN C 65 -7.06 21.83 -31.68
N CYS C 66 -5.79 21.90 -32.06
CA CYS C 66 -5.40 22.80 -33.15
C CYS C 66 -6.07 22.41 -34.46
N VAL C 67 -6.09 21.12 -34.78
CA VAL C 67 -6.67 20.67 -36.04
C VAL C 67 -8.18 20.70 -35.94
N PRO C 68 -8.89 21.22 -36.94
CA PRO C 68 -10.34 21.15 -36.95
C PRO C 68 -10.82 19.81 -37.50
N LYS C 69 -12.12 19.54 -37.30
CA LYS C 69 -12.70 18.27 -37.66
C LYS C 69 -13.16 18.20 -39.11
N GLU C 70 -13.01 19.27 -39.87
CA GLU C 70 -13.52 19.29 -41.24
C GLU C 70 -12.67 18.44 -42.18
N GLU C 71 -11.35 18.51 -42.04
CA GLU C 71 -10.43 17.86 -42.97
C GLU C 71 -9.97 16.49 -42.50
N ILE C 72 -10.50 15.99 -41.39
CA ILE C 72 -10.16 14.64 -40.96
C ILE C 72 -10.98 13.65 -41.76
N LYS C 73 -10.43 13.17 -42.87
CA LYS C 73 -11.14 12.31 -43.81
C LYS C 73 -10.34 11.04 -44.04
N ASP C 74 -10.98 10.07 -44.70
CA ASP C 74 -10.33 8.81 -45.01
C ASP C 74 -9.32 8.94 -46.14
N ASP C 75 -9.37 10.02 -46.92
CA ASP C 75 -8.37 10.26 -47.94
C ASP C 75 -7.08 10.84 -47.38
N ASN C 76 -6.99 10.99 -46.06
CA ASN C 76 -5.77 11.38 -45.37
C ASN C 76 -5.51 10.35 -44.27
N PRO C 77 -5.12 9.13 -44.65
CA PRO C 77 -4.97 8.07 -43.65
C PRO C 77 -3.87 8.33 -42.63
N HIS C 78 -2.93 9.22 -42.94
CA HIS C 78 -1.86 9.53 -42.01
C HIS C 78 -2.24 10.58 -40.98
N LEU C 79 -3.39 11.25 -41.16
CA LEU C 79 -3.85 12.27 -40.23
C LEU C 79 -5.02 11.82 -39.38
N LYS C 80 -5.99 11.11 -39.95
CA LYS C 80 -7.11 10.60 -39.17
C LYS C 80 -6.63 9.62 -38.11
N ASN C 81 -5.73 8.70 -38.48
CA ASN C 81 -5.22 7.74 -37.53
C ASN C 81 -4.43 8.42 -36.41
N LEU C 82 -3.58 9.39 -36.76
CA LEU C 82 -2.81 10.09 -35.74
C LEU C 82 -3.71 10.89 -34.82
N TYR C 83 -4.74 11.55 -35.36
CA TYR C 83 -5.67 12.32 -34.54
C TYR C 83 -6.42 11.40 -33.58
N GLU C 84 -6.88 10.25 -34.07
CA GLU C 84 -7.58 9.31 -33.20
C GLU C 84 -6.67 8.79 -32.10
N GLY C 85 -5.42 8.44 -32.45
CA GLY C 85 -4.49 7.98 -31.45
C GLY C 85 -4.20 9.04 -30.40
N LEU C 86 -4.05 10.30 -30.82
CA LEU C 86 -3.77 11.36 -29.86
C LEU C 86 -4.98 11.63 -28.96
N VAL C 87 -6.19 11.57 -29.51
CA VAL C 87 -7.37 11.75 -28.66
C VAL C 87 -7.48 10.62 -27.64
N MET C 88 -7.21 9.38 -28.05
CA MET C 88 -7.27 8.28 -27.10
C MET C 88 -6.16 8.38 -26.05
N THR C 89 -4.98 8.87 -26.44
CA THR C 89 -3.93 9.10 -25.45
C THR C 89 -4.31 10.20 -24.47
N GLU C 90 -4.99 11.24 -24.94
CA GLU C 90 -5.50 12.28 -24.04
C GLU C 90 -6.50 11.70 -23.06
N VAL C 91 -7.39 10.82 -23.54
CA VAL C 91 -8.36 10.18 -22.66
C VAL C 91 -7.63 9.35 -21.61
N GLN C 92 -6.59 8.62 -22.02
CA GLN C 92 -5.82 7.83 -21.08
C GLN C 92 -5.12 8.72 -20.05
N ILE C 93 -4.58 9.85 -20.49
CA ILE C 93 -3.91 10.76 -19.57
C ILE C 93 -4.89 11.28 -18.53
N GLN C 94 -6.08 11.68 -18.97
CA GLN C 94 -7.09 12.17 -18.03
C GLN C 94 -7.55 11.07 -17.09
N LYS C 95 -7.66 9.84 -17.59
CA LYS C 95 -8.04 8.72 -16.73
C LYS C 95 -7.00 8.48 -15.65
N VAL C 96 -5.72 8.53 -16.00
CA VAL C 96 -4.67 8.32 -15.01
C VAL C 96 -4.62 9.49 -14.02
N PHE C 97 -4.87 10.71 -14.50
CA PHE C 97 -4.91 11.86 -13.61
C PHE C 97 -6.03 11.72 -12.59
N THR C 98 -7.24 11.43 -13.05
CA THR C 98 -8.38 11.33 -12.14
C THR C 98 -8.33 10.07 -11.29
N LYS C 99 -7.55 9.07 -11.69
CA LYS C 99 -7.39 7.89 -10.84
C LYS C 99 -6.60 8.22 -9.58
N HIS C 100 -5.64 9.13 -9.67
CA HIS C 100 -4.79 9.50 -8.54
C HIS C 100 -5.16 10.86 -7.96
N GLY C 101 -6.45 11.19 -7.97
CA GLY C 101 -6.93 12.36 -7.28
C GLY C 101 -6.84 13.66 -8.05
N LEU C 102 -6.10 13.71 -9.15
CA LEU C 102 -5.95 14.94 -9.92
C LEU C 102 -7.21 15.15 -10.74
N LEU C 103 -8.08 16.05 -10.27
CA LEU C 103 -9.35 16.31 -10.92
C LEU C 103 -9.24 17.49 -11.88
N LYS C 104 -9.84 17.34 -13.06
CA LYS C 104 -9.89 18.43 -14.01
C LYS C 104 -10.86 19.50 -13.55
N LEU C 105 -10.87 20.62 -14.27
CA LEU C 105 -11.75 21.74 -13.96
C LEU C 105 -12.24 22.33 -15.28
N ASN C 106 -13.46 21.96 -15.68
CA ASN C 106 -14.08 22.44 -16.91
C ASN C 106 -15.44 23.03 -16.55
N PRO C 107 -15.47 24.20 -15.92
CA PRO C 107 -16.73 24.77 -15.42
C PRO C 107 -17.46 25.61 -16.47
N VAL C 108 -17.93 24.94 -17.52
CA VAL C 108 -18.65 25.61 -18.60
C VAL C 108 -20.07 25.89 -18.14
N GLY C 109 -20.47 27.15 -18.16
CA GLY C 109 -21.81 27.52 -17.75
C GLY C 109 -22.07 27.41 -16.26
N ALA C 110 -21.02 27.43 -15.44
CA ALA C 110 -21.17 27.29 -14.00
C ALA C 110 -21.00 28.64 -13.31
N LYS C 111 -21.38 28.68 -12.04
CA LYS C 111 -21.25 29.89 -11.24
C LYS C 111 -19.79 30.21 -10.99
N PHE C 112 -19.46 31.50 -11.03
CA PHE C 112 -18.09 31.93 -10.80
C PHE C 112 -17.67 31.65 -9.36
N ASP C 113 -16.45 31.14 -9.21
CA ASP C 113 -15.88 30.83 -7.89
C ASP C 113 -14.46 31.39 -7.84
N PRO C 114 -14.18 32.38 -6.99
CA PRO C 114 -12.82 32.93 -6.94
C PRO C 114 -11.76 31.91 -6.57
N ALA C 115 -12.08 30.95 -5.71
CA ALA C 115 -11.08 29.99 -5.27
C ALA C 115 -10.70 29.01 -6.38
N GLU C 116 -11.70 28.56 -7.16
CA GLU C 116 -11.47 27.54 -8.16
C GLU C 116 -11.36 28.08 -9.58
N HIS C 117 -11.67 29.35 -9.81
CA HIS C 117 -11.63 29.93 -11.14
C HIS C 117 -10.90 31.27 -11.11
N GLU C 118 -10.21 31.58 -12.20
CA GLU C 118 -9.52 32.85 -12.38
C GLU C 118 -10.21 33.63 -13.48
N ALA C 119 -10.56 34.88 -13.17
CA ALA C 119 -11.28 35.74 -14.12
C ALA C 119 -10.29 36.34 -15.10
N LEU C 120 -10.20 35.76 -16.30
CA LEU C 120 -9.31 36.31 -17.32
C LEU C 120 -9.80 37.68 -17.77
N PHE C 121 -11.09 37.83 -18.02
CA PHE C 121 -11.65 39.10 -18.49
C PHE C 121 -13.14 39.12 -18.19
N HIS C 122 -13.71 40.32 -18.24
CA HIS C 122 -15.14 40.54 -18.04
C HIS C 122 -15.75 41.07 -19.32
N THR C 123 -16.84 40.44 -19.76
CA THR C 123 -17.53 40.85 -20.97
C THR C 123 -18.99 40.42 -20.91
N PRO C 124 -19.93 41.37 -21.05
CA PRO C 124 -21.35 40.99 -21.02
C PRO C 124 -21.70 40.08 -22.19
N VAL C 125 -22.60 39.13 -21.92
CA VAL C 125 -23.07 38.17 -22.92
C VAL C 125 -24.59 38.15 -22.86
N GLU C 126 -25.22 38.30 -24.03
CA GLU C 126 -26.68 38.26 -24.08
C GLU C 126 -27.19 36.85 -23.84
N GLY C 127 -28.31 36.73 -23.14
CA GLY C 127 -28.93 35.46 -22.86
C GLY C 127 -28.28 34.66 -21.75
N LYS C 128 -27.23 35.19 -21.12
CA LYS C 128 -26.52 34.49 -20.05
C LYS C 128 -26.49 35.36 -18.81
N GLU C 129 -26.71 34.75 -17.65
CA GLU C 129 -26.75 35.50 -16.40
C GLU C 129 -25.36 36.02 -16.07
N PRO C 130 -25.25 37.21 -15.48
CA PRO C 130 -23.94 37.71 -15.06
C PRO C 130 -23.35 36.86 -13.94
N GLY C 131 -22.02 36.81 -13.91
CA GLY C 131 -21.33 35.99 -12.93
C GLY C 131 -21.30 34.52 -13.24
N THR C 132 -21.69 34.12 -14.45
CA THR C 132 -21.67 32.74 -14.88
C THR C 132 -20.71 32.59 -16.06
N VAL C 133 -19.91 31.53 -16.02
CA VAL C 133 -18.89 31.32 -17.04
C VAL C 133 -19.55 31.13 -18.40
N ALA C 134 -19.05 31.86 -19.40
CA ALA C 134 -19.51 31.70 -20.78
C ALA C 134 -18.52 30.95 -21.65
N LEU C 135 -17.22 31.02 -21.34
CA LEU C 135 -16.21 30.32 -22.10
C LEU C 135 -15.05 29.99 -21.18
N VAL C 136 -14.27 28.98 -21.56
CA VAL C 136 -13.12 28.53 -20.80
C VAL C 136 -11.88 28.69 -21.68
N SER C 137 -10.89 29.44 -21.20
CA SER C 137 -9.65 29.64 -21.94
C SER C 137 -8.64 28.53 -21.64
N LYS C 138 -8.35 28.30 -20.36
CA LYS C 138 -7.45 27.24 -19.94
C LYS C 138 -8.12 26.43 -18.84
N VAL C 139 -7.96 25.11 -18.91
CA VAL C 139 -8.59 24.19 -17.98
C VAL C 139 -7.68 24.02 -16.77
N GLY C 140 -8.21 24.35 -15.59
CA GLY C 140 -7.47 24.18 -14.36
C GLY C 140 -7.54 22.75 -13.84
N TYR C 141 -6.86 22.53 -12.72
CA TYR C 141 -6.82 21.20 -12.11
C TYR C 141 -6.93 21.32 -10.60
N LYS C 142 -7.49 20.30 -9.99
CA LYS C 142 -7.66 20.22 -8.54
C LYS C 142 -7.10 18.89 -8.05
N LEU C 143 -6.41 18.94 -6.90
CA LEU C 143 -5.78 17.75 -6.33
C LEU C 143 -6.37 17.52 -4.94
N HIS C 144 -7.10 16.42 -4.78
CA HIS C 144 -7.65 16.01 -3.49
C HIS C 144 -8.51 17.11 -2.87
N GLY C 145 -9.28 17.81 -3.71
CA GLY C 145 -10.17 18.85 -3.25
C GLY C 145 -9.56 20.23 -3.10
N ARG C 146 -8.28 20.39 -3.39
CA ARG C 146 -7.63 21.68 -3.34
C ARG C 146 -7.22 22.12 -4.74
N THR C 147 -7.34 23.41 -5.02
CA THR C 147 -7.06 23.94 -6.35
C THR C 147 -5.56 23.95 -6.60
N LEU C 148 -5.09 23.02 -7.44
CA LEU C 148 -3.67 22.99 -7.78
C LEU C 148 -3.30 24.13 -8.72
N ARG C 149 -4.17 24.41 -9.69
CA ARG C 149 -3.98 25.53 -10.60
C ARG C 149 -5.35 26.07 -11.01
N PRO C 150 -5.67 27.31 -10.67
CA PRO C 150 -6.98 27.86 -11.03
C PRO C 150 -7.15 27.95 -12.54
N ALA C 151 -8.38 27.75 -12.99
CA ALA C 151 -8.68 27.82 -14.41
C ALA C 151 -8.82 29.27 -14.85
N LEU C 152 -8.07 29.65 -15.88
CA LEU C 152 -8.18 30.99 -16.44
C LEU C 152 -9.46 31.07 -17.26
N VAL C 153 -10.47 31.75 -16.73
CA VAL C 153 -11.82 31.69 -17.28
C VAL C 153 -12.36 33.10 -17.46
N GLY C 154 -13.40 33.22 -18.28
CA GLY C 154 -14.07 34.47 -18.52
C GLY C 154 -15.37 34.57 -17.76
N VAL C 155 -15.70 35.79 -17.33
CA VAL C 155 -16.88 36.06 -16.52
C VAL C 155 -17.77 37.03 -17.27
N VAL C 156 -19.06 36.71 -17.35
CA VAL C 156 -20.03 37.59 -18.01
C VAL C 156 -20.23 38.82 -17.15
N LYS C 157 -20.11 40.00 -17.76
CA LYS C 157 -20.30 41.26 -17.07
C LYS C 157 -21.75 41.72 -17.21
N GLU C 158 -22.03 42.94 -16.76
CA GLU C 158 -23.38 43.51 -16.80
C GLU C 158 -23.45 44.55 -17.90
N ALA C 159 -24.48 44.43 -18.74
CA ALA C 159 -24.68 45.38 -19.83
C ALA C 159 -25.84 46.33 -19.53
#